data_6XCJ
#
_entry.id   6XCJ
#
_cell.length_a   138.52
_cell.length_b   122.1
_cell.length_c   53.4
_cell.angle_alpha   90
_cell.angle_beta   90
_cell.angle_gamma   90
#
_symmetry.space_group_name_H-M   'P 21 21 2'
#
loop_
_entity.id
_entity.type
_entity.pdbx_description
1 polymer 'Envelope Glycoprotein gp120'
2 polymer 'DH650 Fab Heavy Chain'
3 polymer 'DH650 Fab Light Chain'
4 non-polymer 2-acetamido-2-deoxy-beta-D-glucopyranose
5 water water
#
loop_
_entity_poly.entity_id
_entity_poly.type
_entity_poly.pdbx_seq_one_letter_code
_entity_poly.pdbx_strand_id
1 'polypeptide(L)'
;VWKEAKTTLFCASDAKAYEKEVHNVWATHACVPTDPNPQEMVLKNVTENFNMWKNDMVDQMHEDVISLWDQSLKPCVKLT
GGSVITQACPKVSFDPIPIHYCAPAGYAILKCNNKTFTGTGPCNNVSTVQCTHGIKPVVSTQLLLNGSLAEGEIIIRSEN
ITNNVKTIIVHLNESVKIECTRPGNGGSGSGGDIREAYCNINESKWNETLQRVSKKLKEYFPHKNITFQPSSGGDLEITT
HSFNCGGEFFYCNTSSLFNRTYMANSTDMANSTETNSTRTITIHCRIKQIINMWQEVGRAMYAPPIAGNITCISIITGLL
LTRDGGKNNTETFRPGGGNMKDNWRSELYKYKVVEVK
;
G
2 'polypeptide(L)'
;QVQLVQSGAEVKKPGASVKLSCKASGYGFTIYSINWVRQAPGQGLEWMGWINPRNGRIGYAQKFQDRVTMTRDTSTSIAY
MELGSLRYEDTAVYFCTRGQLELTASRFDKWGQGVPVTVSGASTKGPSVFPLAPSSKSTSGGTAALGCLVKDYFPEPVTV
SWNSGALTSGVHTFPAVLQSSGLYSLSSVVTVPSSSLGTQTYICNVNHKPSNTKVDKRVEPKSCDK
;
H
3 'polypeptide(L)'
;DIVMTQSPLSLPVTPGEPAAISCRSSQSLLDRADGNTYLDWYLQKPGQSPQLLIYEVSNRASGVPDRFSGSGSDTDFTLK
ISRVEAEDVGVYYCMQGLEFPYSFGQGTKVEIKRTVAAPSVFIFPPSDEQLKSGTASVVCLLNNFYPREAKVQWKVDNAL
QSGNSQESVTEQDSKDSTYSLSSTLTLSKADYEKHKVYACEVTHQGLSSPVTKSFNRGEC
;
L
#
# COMPACT_ATOMS: atom_id res chain seq x y z
N THR A 8 9.38 17.72 31.22
CA THR A 8 10.81 17.79 30.96
C THR A 8 11.61 16.91 31.92
N LEU A 9 12.83 16.54 31.50
CA LEU A 9 13.75 15.70 32.27
C LEU A 9 15.09 16.40 32.20
N PHE A 10 15.65 16.80 33.35
CA PHE A 10 16.89 17.58 33.34
C PHE A 10 18.10 16.70 33.01
N CYS A 11 18.99 17.19 32.12
CA CYS A 11 20.19 16.49 31.67
C CYS A 11 21.44 17.07 32.35
N ALA A 12 22.29 16.19 32.92
CA ALA A 12 23.53 16.61 33.60
C ALA A 12 24.61 15.55 33.46
N PRO A 38 25.12 10.45 43.02
CA PRO A 38 24.90 9.08 42.51
C PRO A 38 24.24 8.16 43.55
N GLN A 39 22.91 7.93 43.44
CA GLN A 39 22.14 7.09 44.38
C GLN A 39 21.06 6.26 43.66
N GLU A 40 20.83 5.01 44.13
CA GLU A 40 19.81 4.10 43.59
C GLU A 40 19.20 3.26 44.72
N MET A 41 17.90 2.95 44.65
CA MET A 41 17.23 2.18 45.71
C MET A 41 16.25 1.17 45.09
N VAL A 42 16.43 -0.13 45.36
CA VAL A 42 15.55 -1.17 44.80
C VAL A 42 14.16 -1.16 45.47
N LEU A 43 13.10 -1.41 44.68
CA LEU A 43 11.72 -1.43 45.17
C LEU A 43 11.23 -2.88 45.34
N LYS A 44 11.38 -3.41 46.56
CA LYS A 44 10.99 -4.78 46.94
C LYS A 44 9.53 -5.09 46.58
N ASN A 45 9.29 -6.20 45.83
CA ASN A 45 7.96 -6.66 45.42
C ASN A 45 7.19 -5.60 44.62
N VAL A 46 7.81 -5.06 43.55
CA VAL A 46 7.20 -4.06 42.67
C VAL A 46 7.40 -4.50 41.23
N THR A 47 6.35 -4.36 40.40
CA THR A 47 6.33 -4.76 39.00
C THR A 47 5.76 -3.60 38.17
N GLU A 48 6.58 -3.01 37.30
CA GLU A 48 6.14 -1.89 36.46
C GLU A 48 6.48 -2.20 35.02
N ASN A 49 5.59 -1.83 34.11
CA ASN A 49 5.74 -2.13 32.69
C ASN A 49 6.56 -1.10 31.93
N PHE A 50 7.42 -1.58 31.03
CA PHE A 50 8.26 -0.77 30.15
C PHE A 50 7.84 -1.07 28.72
N ASN A 51 7.90 -0.07 27.85
CA ASN A 51 7.57 -0.21 26.43
C ASN A 51 8.72 0.41 25.62
N MET A 52 9.54 -0.42 24.97
CA MET A 52 10.71 0.06 24.23
C MET A 52 10.41 1.18 23.22
N TRP A 53 9.28 1.10 22.54
CA TRP A 53 8.88 2.05 21.49
C TRP A 53 8.04 3.24 21.99
N LYS A 54 7.58 3.20 23.25
CA LYS A 54 6.83 4.30 23.86
C LYS A 54 7.60 4.67 25.12
N ASN A 55 8.65 5.50 24.96
CA ASN A 55 9.51 5.93 26.06
C ASN A 55 9.76 7.43 25.98
N ASP A 56 9.12 8.20 26.89
CA ASP A 56 9.24 9.66 26.96
C ASP A 56 10.73 10.11 27.00
N MET A 57 11.62 9.26 27.56
CA MET A 57 13.06 9.52 27.70
C MET A 57 13.79 9.47 26.36
N VAL A 58 13.42 8.51 25.49
CA VAL A 58 14.00 8.40 24.16
C VAL A 58 13.56 9.62 23.32
N ASP A 59 12.33 10.11 23.52
CA ASP A 59 11.83 11.31 22.85
C ASP A 59 12.65 12.52 23.33
N GLN A 60 12.90 12.61 24.65
CA GLN A 60 13.68 13.68 25.28
C GLN A 60 15.12 13.73 24.72
N MET A 61 15.86 12.60 24.78
CA MET A 61 17.23 12.54 24.27
C MET A 61 17.32 12.90 22.81
N HIS A 62 16.32 12.50 22.01
CA HIS A 62 16.30 12.84 20.60
C HIS A 62 16.21 14.35 20.42
N GLU A 63 15.35 15.03 21.18
CA GLU A 63 15.21 16.48 21.09
C GLU A 63 16.46 17.19 21.58
N ASP A 64 17.05 16.72 22.69
CA ASP A 64 18.23 17.34 23.28
C ASP A 64 19.48 17.22 22.38
N VAL A 65 19.70 16.07 21.73
CA VAL A 65 20.83 15.90 20.81
C VAL A 65 20.56 16.71 19.51
N ILE A 66 19.28 16.84 19.08
CA ILE A 66 18.90 17.67 17.93
C ILE A 66 19.27 19.12 18.25
N SER A 67 18.93 19.60 19.46
CA SER A 67 19.24 20.96 19.90
C SER A 67 20.74 21.22 19.86
N LEU A 68 21.56 20.29 20.37
CA LEU A 68 23.02 20.45 20.37
C LEU A 68 23.60 20.36 18.96
N TRP A 69 22.97 19.59 18.05
CA TRP A 69 23.39 19.52 16.65
C TRP A 69 23.19 20.89 16.00
N ASP A 70 21.99 21.49 16.19
CA ASP A 70 21.64 22.79 15.64
C ASP A 70 22.59 23.92 16.05
N GLN A 71 23.51 23.69 16.99
CA GLN A 71 24.46 24.72 17.42
C GLN A 71 25.68 24.85 16.50
N SER A 72 25.48 24.69 15.18
CA SER A 72 26.49 24.97 14.17
C SER A 72 26.26 26.43 13.68
N LEU A 73 25.85 27.34 14.59
CA LEU A 73 25.55 28.74 14.35
C LEU A 73 26.55 29.59 15.14
N LYS A 74 26.78 30.82 14.68
CA LYS A 74 27.72 31.73 15.32
C LYS A 74 27.16 32.27 16.63
N PRO A 75 27.87 32.21 17.79
CA PRO A 75 27.28 32.79 19.03
C PRO A 75 27.03 34.29 18.94
N CYS A 76 26.24 34.86 19.90
CA CYS A 76 25.90 36.28 19.82
C CYS A 76 25.99 37.05 21.15
N VAL A 77 26.53 38.29 21.04
CA VAL A 77 26.68 39.27 22.12
C VAL A 77 25.89 40.54 21.74
N LYS A 78 25.74 41.49 22.67
CA LYS A 78 24.98 42.71 22.42
C LYS A 78 25.67 43.96 22.99
N LEU A 79 25.95 44.95 22.13
CA LEU A 79 26.51 46.27 22.53
C LEU A 79 25.50 47.33 22.06
N THR A 80 25.31 47.47 20.74
CA THR A 80 24.30 48.33 20.13
C THR A 80 23.23 47.38 19.55
N GLY A 81 23.66 46.40 18.77
CA GLY A 81 22.77 45.39 18.19
C GLY A 81 23.31 43.99 18.28
N GLY A 82 22.65 43.07 17.58
CA GLY A 82 23.04 41.68 17.54
C GLY A 82 24.35 41.45 16.82
N SER A 83 25.46 41.47 17.57
CA SER A 83 26.81 41.26 17.01
C SER A 83 27.13 39.76 16.89
N VAL A 84 27.40 39.29 15.67
CA VAL A 84 27.70 37.86 15.41
C VAL A 84 29.23 37.62 15.58
N ILE A 85 29.60 36.54 16.29
CA ILE A 85 31.01 36.20 16.52
C ILE A 85 31.51 35.46 15.26
N LYS A 91 35.17 26.35 19.99
CA LYS A 91 35.58 25.05 20.53
C LYS A 91 34.87 23.89 19.78
N VAL A 92 35.55 23.30 18.78
CA VAL A 92 35.01 22.18 17.99
C VAL A 92 35.28 20.84 18.73
N SER A 93 34.85 20.77 20.00
CA SER A 93 34.99 19.58 20.83
C SER A 93 33.67 18.81 20.84
N PHE A 94 33.27 18.30 19.66
CA PHE A 94 32.06 17.48 19.52
C PHE A 94 32.21 16.11 20.20
N ASP A 95 33.48 15.69 20.53
CA ASP A 95 33.83 14.41 21.16
C ASP A 95 32.87 14.08 22.29
N PRO A 96 32.16 12.93 22.20
CA PRO A 96 31.12 12.66 23.20
C PRO A 96 31.66 12.46 24.61
N ILE A 97 30.80 12.79 25.57
CA ILE A 97 31.07 12.69 27.00
C ILE A 97 29.85 12.01 27.65
N PRO A 98 30.02 11.06 28.59
CA PRO A 98 28.84 10.40 29.16
C PRO A 98 27.89 11.36 29.89
N ILE A 99 26.73 11.69 29.24
CA ILE A 99 25.71 12.56 29.84
C ILE A 99 24.71 11.69 30.63
N HIS A 100 23.94 12.30 31.53
CA HIS A 100 22.95 11.59 32.33
C HIS A 100 21.62 12.32 32.29
N TYR A 101 20.54 11.59 32.49
CA TYR A 101 19.20 12.17 32.55
C TYR A 101 18.71 11.96 33.96
N CYS A 102 18.34 13.05 34.63
CA CYS A 102 17.94 13.07 36.04
C CYS A 102 16.51 13.50 36.23
N ALA A 103 15.89 13.01 37.30
CA ALA A 103 14.49 13.27 37.62
C ALA A 103 14.26 14.61 38.32
N PRO A 104 13.56 15.58 37.68
CA PRO A 104 13.27 16.84 38.39
C PRO A 104 12.21 16.63 39.46
N ALA A 105 12.08 17.58 40.43
CA ALA A 105 11.11 17.47 41.53
C ALA A 105 9.70 17.07 41.05
N GLY A 106 9.07 16.10 41.74
CA GLY A 106 7.77 15.59 41.37
C GLY A 106 7.81 14.38 40.45
N TYR A 107 8.99 14.03 39.90
CA TYR A 107 9.19 12.88 39.01
C TYR A 107 10.33 11.96 39.51
N ALA A 108 10.25 10.69 39.12
CA ALA A 108 11.20 9.64 39.45
C ALA A 108 11.57 8.84 38.19
N ILE A 109 12.74 8.18 38.21
CA ILE A 109 13.17 7.33 37.10
C ILE A 109 13.26 5.91 37.64
N LEU A 110 12.52 5.00 37.01
CA LEU A 110 12.57 3.59 37.37
C LEU A 110 13.52 2.88 36.40
N LYS A 111 14.25 1.89 36.89
CA LYS A 111 15.23 1.16 36.10
C LYS A 111 15.01 -0.34 36.23
N CYS A 112 15.00 -1.07 35.09
CA CYS A 112 14.86 -2.51 35.12
C CYS A 112 16.21 -3.15 35.36
N ASN A 113 16.34 -3.91 36.46
CA ASN A 113 17.60 -4.55 36.81
C ASN A 113 17.81 -5.89 36.09
N ASN A 114 16.78 -6.48 35.44
CA ASN A 114 16.96 -7.74 34.70
C ASN A 114 17.87 -7.45 33.51
N LYS A 115 19.10 -7.99 33.53
CA LYS A 115 20.09 -7.70 32.48
C LYS A 115 19.76 -8.35 31.11
N THR A 116 18.84 -9.33 31.07
CA THR A 116 18.35 -9.92 29.83
C THR A 116 17.04 -9.21 29.37
N PHE A 117 16.65 -8.05 29.97
CA PHE A 117 15.39 -7.40 29.63
C PHE A 117 15.32 -7.02 28.18
N THR A 118 14.26 -7.44 27.54
CA THR A 118 14.07 -7.27 26.11
C THR A 118 13.63 -5.84 25.71
N GLY A 119 13.03 -5.10 26.63
CA GLY A 119 12.59 -3.72 26.36
C GLY A 119 11.12 -3.50 26.65
N THR A 120 10.26 -4.42 26.18
CA THR A 120 8.81 -4.33 26.39
C THR A 120 8.35 -5.45 27.33
N GLY A 121 7.37 -5.14 28.17
CA GLY A 121 6.78 -6.06 29.14
C GLY A 121 7.00 -5.67 30.58
N PRO A 122 6.52 -6.50 31.52
CA PRO A 122 6.70 -6.18 32.94
C PRO A 122 8.07 -6.59 33.46
N CYS A 123 8.72 -5.69 34.22
CA CYS A 123 10.01 -5.96 34.85
C CYS A 123 9.74 -6.22 36.34
N ASN A 124 10.21 -7.38 36.84
CA ASN A 124 10.05 -7.78 38.25
C ASN A 124 11.08 -7.07 39.16
N ASN A 125 12.36 -7.05 38.75
CA ASN A 125 13.44 -6.41 39.50
C ASN A 125 13.55 -4.97 39.02
N VAL A 126 13.04 -4.01 39.80
CA VAL A 126 13.06 -2.59 39.41
C VAL A 126 13.47 -1.72 40.60
N SER A 127 14.22 -0.62 40.33
CA SER A 127 14.70 0.33 41.33
C SER A 127 14.51 1.79 40.93
N THR A 128 14.46 2.70 41.92
CA THR A 128 14.35 4.13 41.70
C THR A 128 15.76 4.67 41.64
N VAL A 129 16.13 5.33 40.53
CA VAL A 129 17.45 5.91 40.37
C VAL A 129 17.26 7.40 40.16
N GLN A 130 18.22 8.20 40.63
CA GLN A 130 18.13 9.64 40.50
C GLN A 130 18.57 10.06 39.11
N CYS A 131 19.64 9.43 38.58
CA CYS A 131 20.13 9.73 37.24
C CYS A 131 20.44 8.45 36.48
N THR A 132 20.24 8.46 35.15
CA THR A 132 20.59 7.31 34.32
C THR A 132 22.13 7.21 34.23
N HIS A 133 22.64 6.04 33.82
CA HIS A 133 24.09 5.86 33.62
C HIS A 133 24.58 6.82 32.51
N GLY A 134 25.88 7.05 32.46
CA GLY A 134 26.47 7.91 31.45
C GLY A 134 26.26 7.37 30.04
N ILE A 135 25.86 8.24 29.12
CA ILE A 135 25.55 7.84 27.75
C ILE A 135 26.28 8.76 26.80
N LYS A 136 27.22 8.22 26.05
CA LYS A 136 27.95 8.98 25.04
C LYS A 136 26.97 9.20 23.87
N PRO A 137 26.57 10.44 23.53
CA PRO A 137 25.60 10.63 22.44
C PRO A 137 26.24 10.48 21.05
N VAL A 138 26.55 9.22 20.68
CA VAL A 138 27.22 8.86 19.43
C VAL A 138 26.16 8.67 18.34
N VAL A 139 26.30 9.40 17.22
CA VAL A 139 25.35 9.32 16.10
C VAL A 139 25.97 8.53 14.94
N SER A 140 25.79 7.21 14.97
CA SER A 140 26.25 6.30 13.92
C SER A 140 25.08 5.49 13.35
N THR A 141 25.21 5.05 12.11
CA THR A 141 24.24 4.19 11.44
C THR A 141 24.90 2.83 11.17
N GLN A 142 24.10 1.75 11.16
CA GLN A 142 24.57 0.37 10.90
C GLN A 142 25.27 -0.26 12.11
N LEU A 143 26.33 0.38 12.59
CA LEU A 143 27.09 -0.13 13.73
C LEU A 143 26.95 0.84 14.91
N LEU A 144 26.70 0.30 16.09
CA LEU A 144 26.62 1.08 17.31
C LEU A 144 28.01 1.07 17.91
N LEU A 145 28.57 2.25 18.12
CA LEU A 145 29.91 2.43 18.63
C LEU A 145 29.92 2.97 20.07
N ASN A 146 30.89 2.53 20.87
CA ASN A 146 31.10 3.02 22.24
C ASN A 146 29.87 2.93 23.16
N GLY A 147 29.03 1.92 22.98
CA GLY A 147 27.86 1.72 23.82
C GLY A 147 28.11 0.67 24.91
N SER A 148 27.04 0.17 25.54
CA SER A 148 27.18 -0.84 26.59
C SER A 148 26.98 -2.24 26.03
N LEU A 149 27.80 -3.20 26.49
CA LEU A 149 27.72 -4.58 26.04
C LEU A 149 26.67 -5.38 26.79
N ALA A 150 26.18 -6.46 26.19
CA ALA A 150 25.20 -7.33 26.82
C ALA A 150 25.85 -8.13 27.96
N GLU A 151 25.07 -8.43 29.01
CA GLU A 151 25.56 -9.23 30.14
C GLU A 151 25.17 -10.69 29.90
N GLY A 152 26.12 -11.48 29.40
CA GLY A 152 25.92 -12.89 29.13
C GLY A 152 26.21 -13.22 27.69
N GLU A 153 25.15 -13.54 26.93
CA GLU A 153 25.22 -13.91 25.51
C GLU A 153 24.86 -12.67 24.63
N ILE A 154 24.91 -12.80 23.30
CA ILE A 154 24.49 -11.71 22.38
C ILE A 154 22.98 -11.60 22.51
N ILE A 155 22.44 -10.38 22.63
CA ILE A 155 21.02 -10.18 22.86
C ILE A 155 20.32 -9.41 21.77
N ILE A 156 19.21 -9.95 21.24
CA ILE A 156 18.35 -9.22 20.32
C ILE A 156 17.44 -8.44 21.29
N ARG A 157 17.59 -7.12 21.35
CA ARG A 157 16.83 -6.28 22.28
C ARG A 157 15.47 -5.95 21.70
N SER A 158 14.59 -6.94 21.67
CA SER A 158 13.25 -6.77 21.12
C SER A 158 12.37 -7.93 21.53
N GLU A 159 11.19 -7.64 22.14
CA GLU A 159 10.24 -8.66 22.58
C GLU A 159 9.86 -9.58 21.39
N ASN A 160 9.67 -8.98 20.22
CA ASN A 160 9.29 -9.70 19.02
C ASN A 160 9.79 -8.90 17.80
N ILE A 161 10.34 -9.59 16.78
CA ILE A 161 10.87 -8.91 15.61
C ILE A 161 10.02 -9.17 14.34
N THR A 162 8.72 -9.46 14.52
CA THR A 162 7.83 -9.70 13.38
C THR A 162 7.62 -8.44 12.57
N ASN A 163 7.49 -7.27 13.25
CA ASN A 163 7.30 -6.01 12.54
C ASN A 163 8.58 -5.56 11.81
N ASN A 164 8.59 -5.73 10.47
CA ASN A 164 9.70 -5.39 9.55
C ASN A 164 10.08 -3.93 9.57
N VAL A 165 9.12 -3.05 9.86
CA VAL A 165 9.39 -1.62 9.89
C VAL A 165 10.26 -1.28 11.10
N LYS A 166 9.97 -1.87 12.27
CA LYS A 166 10.77 -1.61 13.45
C LYS A 166 12.20 -2.12 13.27
N THR A 167 13.20 -1.31 13.65
CA THR A 167 14.62 -1.69 13.57
C THR A 167 14.89 -2.72 14.66
N ILE A 168 15.76 -3.70 14.38
CA ILE A 168 16.18 -4.73 15.34
C ILE A 168 17.50 -4.25 15.98
N ILE A 169 17.46 -3.94 17.29
CA ILE A 169 18.66 -3.53 18.02
C ILE A 169 19.38 -4.77 18.54
N VAL A 170 20.59 -5.05 18.01
CA VAL A 170 21.40 -6.17 18.49
C VAL A 170 22.43 -5.63 19.46
N HIS A 171 22.65 -6.35 20.58
CA HIS A 171 23.63 -5.98 21.58
C HIS A 171 24.62 -7.11 21.66
N LEU A 172 25.92 -6.79 21.50
CA LEU A 172 26.97 -7.79 21.55
C LEU A 172 27.56 -7.91 22.94
N ASN A 173 27.96 -9.12 23.37
CA ASN A 173 28.63 -9.32 24.67
C ASN A 173 30.15 -9.12 24.57
N GLU A 174 30.72 -9.32 23.39
CA GLU A 174 32.14 -9.15 23.15
C GLU A 174 32.28 -8.06 22.08
N SER A 175 33.09 -7.05 22.34
CA SER A 175 33.27 -5.90 21.46
C SER A 175 34.15 -6.22 20.24
N VAL A 176 34.06 -5.38 19.19
CA VAL A 176 34.86 -5.53 17.97
C VAL A 176 35.50 -4.17 17.65
N LYS A 177 36.83 -4.10 17.64
CA LYS A 177 37.56 -2.86 17.39
C LYS A 177 37.52 -2.46 15.93
N ILE A 178 37.43 -1.16 15.64
CA ILE A 178 37.44 -0.65 14.28
C ILE A 178 38.30 0.62 14.25
N GLU A 179 39.45 0.56 13.58
CA GLU A 179 40.38 1.69 13.48
C GLU A 179 40.15 2.41 12.16
N CYS A 180 39.67 3.65 12.20
CA CYS A 180 39.43 4.47 11.02
C CYS A 180 40.50 5.55 10.92
N THR A 181 41.12 5.72 9.74
CA THR A 181 42.22 6.66 9.58
C THR A 181 42.18 7.40 8.23
N ARG A 182 42.81 8.57 8.22
CA ARG A 182 42.94 9.51 7.09
C ARG A 182 44.49 9.66 6.77
N PRO A 183 45.00 10.59 5.91
CA PRO A 183 46.45 10.59 5.60
C PRO A 183 47.34 11.15 6.72
N ARG A 195 37.10 14.36 0.43
CA ARG A 195 38.32 13.57 0.32
C ARG A 195 38.02 12.04 0.59
N GLU A 196 39.00 11.20 1.05
CA GLU A 196 38.75 9.78 1.31
C GLU A 196 39.51 9.26 2.54
N ALA A 197 39.08 8.11 3.10
CA ALA A 197 39.65 7.49 4.31
C ALA A 197 39.38 5.94 4.33
N TYR A 198 39.84 5.19 5.35
CA TYR A 198 39.61 3.75 5.43
C TYR A 198 39.46 3.27 6.87
N CYS A 199 38.83 2.10 7.07
CA CYS A 199 38.69 1.48 8.39
C CYS A 199 39.12 0.03 8.31
N ASN A 200 39.60 -0.50 9.43
CA ASN A 200 40.04 -1.87 9.53
C ASN A 200 39.32 -2.59 10.65
N ILE A 201 38.99 -3.87 10.44
CA ILE A 201 38.33 -4.74 11.41
C ILE A 201 39.06 -6.09 11.38
N ASN A 202 39.14 -6.80 12.53
CA ASN A 202 39.89 -8.05 12.65
C ASN A 202 39.49 -9.24 11.71
N GLU A 203 38.37 -9.21 10.98
CA GLU A 203 37.96 -10.29 10.06
C GLU A 203 37.53 -11.57 10.78
N SER A 204 38.46 -12.33 11.39
CA SER A 204 38.11 -13.54 12.12
C SER A 204 37.16 -13.22 13.28
N LYS A 205 37.29 -12.02 13.90
CA LYS A 205 36.38 -11.59 14.97
C LYS A 205 35.03 -11.13 14.34
N TRP A 206 35.07 -10.45 13.18
CA TRP A 206 33.85 -10.00 12.51
C TRP A 206 32.98 -11.18 12.02
N ASN A 207 33.51 -12.02 11.13
CA ASN A 207 32.73 -13.14 10.59
C ASN A 207 32.29 -14.14 11.74
N GLU A 208 32.98 -14.10 12.91
CA GLU A 208 32.60 -14.89 14.10
C GLU A 208 31.38 -14.21 14.76
N THR A 209 31.44 -12.88 14.90
CA THR A 209 30.36 -12.07 15.46
C THR A 209 29.06 -12.29 14.69
N LEU A 210 29.11 -12.20 13.34
CA LEU A 210 27.93 -12.43 12.51
C LEU A 210 27.40 -13.85 12.60
N GLN A 211 28.27 -14.82 12.85
CA GLN A 211 27.88 -16.22 12.98
C GLN A 211 27.09 -16.39 14.28
N ARG A 212 27.61 -15.86 15.39
CA ARG A 212 26.90 -15.91 16.67
C ARG A 212 25.60 -15.11 16.66
N VAL A 213 25.57 -13.98 15.91
CA VAL A 213 24.36 -13.18 15.75
C VAL A 213 23.33 -13.97 14.92
N SER A 214 23.77 -14.63 13.83
CA SER A 214 22.86 -15.41 12.98
C SER A 214 22.24 -16.58 13.74
N LYS A 215 23.02 -17.23 14.63
CA LYS A 215 22.48 -18.34 15.43
C LYS A 215 21.39 -17.81 16.38
N LYS A 216 21.63 -16.64 17.00
CA LYS A 216 20.70 -16.01 17.95
C LYS A 216 19.47 -15.41 17.24
N LEU A 217 19.60 -15.00 15.97
CA LEU A 217 18.47 -14.49 15.19
C LEU A 217 17.60 -15.68 14.80
N LYS A 218 18.23 -16.82 14.38
CA LYS A 218 17.54 -18.07 14.02
C LYS A 218 16.66 -18.60 15.20
N GLU A 219 16.90 -18.15 16.43
CA GLU A 219 16.06 -18.53 17.56
C GLU A 219 14.65 -17.92 17.35
N TYR A 220 14.58 -16.67 16.87
CA TYR A 220 13.32 -16.01 16.55
C TYR A 220 12.60 -16.64 15.33
N PHE A 221 13.37 -17.11 14.32
CA PHE A 221 12.85 -17.75 13.10
C PHE A 221 13.36 -19.18 13.01
N PRO A 222 12.82 -20.12 13.83
CA PRO A 222 13.34 -21.49 13.81
C PRO A 222 13.08 -22.17 12.48
N HIS A 223 13.98 -23.08 12.09
CA HIS A 223 13.89 -23.79 10.82
C HIS A 223 13.94 -22.80 9.65
N LYS A 224 14.79 -21.76 9.77
CA LYS A 224 14.95 -20.75 8.72
C LYS A 224 16.44 -20.41 8.58
N ASN A 225 16.87 -20.22 7.32
CA ASN A 225 18.24 -19.86 6.99
C ASN A 225 18.39 -18.35 7.18
N ILE A 226 19.45 -17.88 7.87
CA ILE A 226 19.69 -16.46 8.12
C ILE A 226 20.75 -15.89 7.19
N THR A 227 20.38 -14.90 6.38
CA THR A 227 21.28 -14.25 5.44
C THR A 227 21.43 -12.76 5.79
N PHE A 228 22.60 -12.19 5.46
CA PHE A 228 22.91 -10.79 5.65
C PHE A 228 23.23 -10.22 4.28
N GLN A 229 22.66 -9.07 3.92
CA GLN A 229 22.98 -8.42 2.65
C GLN A 229 23.25 -6.93 2.91
N PRO A 230 23.93 -6.21 2.00
CA PRO A 230 24.16 -4.77 2.25
C PRO A 230 22.87 -3.96 2.24
N SER A 231 22.92 -2.68 2.66
CA SER A 231 21.73 -1.82 2.68
C SER A 231 21.11 -1.73 1.27
N SER A 232 19.79 -1.96 1.16
CA SER A 232 19.09 -2.00 -0.13
C SER A 232 18.94 -0.64 -0.86
N GLY A 233 19.11 0.48 -0.16
CA GLY A 233 19.02 1.80 -0.80
C GLY A 233 18.62 2.91 0.13
N GLY A 234 18.67 4.13 -0.42
CA GLY A 234 18.33 5.35 0.30
C GLY A 234 19.48 6.34 0.26
N ASP A 235 19.50 7.27 1.22
CA ASP A 235 20.58 8.24 1.31
C ASP A 235 21.88 7.60 1.81
N LEU A 236 23.01 8.26 1.49
CA LEU A 236 24.34 7.79 1.86
C LEU A 236 24.45 7.62 3.38
N GLU A 237 23.82 8.51 4.15
CA GLU A 237 23.82 8.40 5.61
C GLU A 237 23.42 6.98 6.11
N ILE A 238 22.42 6.35 5.46
CA ILE A 238 21.95 5.01 5.85
C ILE A 238 22.57 3.87 5.04
N THR A 239 22.84 4.07 3.74
CA THR A 239 23.41 2.99 2.93
C THR A 239 24.81 2.60 3.37
N THR A 240 25.56 3.50 4.05
CA THR A 240 26.92 3.25 4.55
C THR A 240 26.97 3.36 6.08
N HIS A 241 28.09 2.94 6.70
CA HIS A 241 28.27 3.10 8.13
C HIS A 241 28.76 4.53 8.26
N SER A 242 27.91 5.43 8.76
CA SER A 242 28.28 6.83 8.91
C SER A 242 28.46 7.16 10.38
N PHE A 243 29.35 8.12 10.70
CA PHE A 243 29.63 8.52 12.07
C PHE A 243 30.51 9.77 12.12
N ASN A 244 30.51 10.50 13.26
CA ASN A 244 31.31 11.72 13.39
C ASN A 244 32.56 11.47 14.25
N CYS A 245 33.74 11.89 13.73
CA CYS A 245 35.01 11.73 14.41
C CYS A 245 35.91 12.97 14.28
N GLY A 246 35.88 13.83 15.31
CA GLY A 246 36.70 15.04 15.39
C GLY A 246 36.52 16.00 14.24
N GLY A 247 35.31 16.53 14.10
CA GLY A 247 34.95 17.46 13.04
C GLY A 247 34.76 16.86 11.65
N GLU A 248 34.85 15.50 11.54
CA GLU A 248 34.72 14.81 10.25
C GLU A 248 33.61 13.77 10.22
N PHE A 249 32.78 13.78 9.15
CA PHE A 249 31.74 12.77 8.94
C PHE A 249 32.32 11.70 8.00
N PHE A 250 32.25 10.43 8.40
CA PHE A 250 32.73 9.31 7.59
C PHE A 250 31.55 8.60 6.96
N TYR A 251 31.74 8.03 5.77
CA TYR A 251 30.71 7.27 5.08
C TYR A 251 31.40 6.03 4.55
N CYS A 252 31.53 5.01 5.39
CA CYS A 252 32.25 3.77 5.08
C CYS A 252 31.37 2.70 4.42
N ASN A 253 31.81 2.16 3.27
CA ASN A 253 31.10 1.14 2.52
C ASN A 253 31.11 -0.22 3.25
N THR A 254 29.93 -0.77 3.55
CA THR A 254 29.84 -2.03 4.29
C THR A 254 29.32 -3.21 3.44
N SER A 255 29.50 -3.16 2.11
CA SER A 255 29.04 -4.24 1.24
C SER A 255 29.81 -5.54 1.48
N SER A 256 31.12 -5.45 1.74
CA SER A 256 31.91 -6.63 2.02
C SER A 256 31.61 -7.19 3.44
N LEU A 257 31.14 -6.35 4.38
CA LEU A 257 30.85 -6.79 5.74
C LEU A 257 29.53 -7.53 5.87
N PHE A 258 28.52 -7.10 5.12
CA PHE A 258 27.21 -7.71 5.18
C PHE A 258 26.91 -8.41 3.88
N ASN A 259 27.46 -9.59 3.68
CA ASN A 259 27.16 -10.37 2.48
C ASN A 259 27.46 -11.83 2.78
N ARG A 260 26.75 -12.34 3.78
CA ARG A 260 26.88 -13.69 4.28
C ARG A 260 25.60 -14.46 4.01
N THR A 261 25.72 -15.78 3.89
CA THR A 261 24.56 -16.63 3.74
C THR A 261 24.82 -17.85 4.62
N TYR A 262 24.04 -18.00 5.70
CA TYR A 262 24.17 -19.08 6.67
C TYR A 262 23.05 -20.15 6.48
N MET A 263 23.45 -21.37 6.09
CA MET A 263 22.53 -22.48 5.87
C MET A 263 21.90 -23.00 7.18
N ALA A 264 20.81 -23.79 7.07
CA ALA A 264 20.15 -24.41 8.22
C ALA A 264 20.48 -25.91 8.22
N SER A 277 44.02 -14.89 11.58
CA SER A 277 44.31 -14.46 12.95
C SER A 277 44.72 -12.97 12.94
N THR A 278 45.73 -12.62 12.14
CA THR A 278 46.19 -11.22 11.98
C THR A 278 45.49 -10.55 10.75
N ARG A 279 44.64 -11.28 10.00
CA ARG A 279 43.94 -10.77 8.82
C ARG A 279 42.89 -9.73 9.19
N THR A 280 42.69 -8.75 8.29
CA THR A 280 41.74 -7.67 8.50
C THR A 280 40.92 -7.36 7.26
N ILE A 281 39.74 -6.74 7.45
CA ILE A 281 38.89 -6.28 6.35
C ILE A 281 39.11 -4.77 6.28
N THR A 282 39.33 -4.23 5.08
CA THR A 282 39.54 -2.80 4.91
C THR A 282 38.35 -2.22 4.15
N ILE A 283 37.66 -1.22 4.73
CA ILE A 283 36.50 -0.59 4.09
C ILE A 283 36.83 0.87 3.76
N HIS A 284 36.43 1.32 2.56
CA HIS A 284 36.67 2.67 2.07
C HIS A 284 35.60 3.64 2.57
N CYS A 285 36.00 4.88 2.89
CA CYS A 285 35.07 5.92 3.35
C CYS A 285 35.24 7.20 2.55
N ARG A 286 34.14 7.96 2.45
CA ARG A 286 34.16 9.30 1.89
C ARG A 286 34.23 10.21 3.12
N ILE A 287 34.82 11.41 2.96
CA ILE A 287 34.98 12.35 4.06
C ILE A 287 34.41 13.70 3.69
N LYS A 288 33.72 14.32 4.67
CA LYS A 288 33.17 15.68 4.58
C LYS A 288 33.11 16.27 5.99
N GLN A 289 33.64 17.49 6.18
CA GLN A 289 33.63 18.13 7.52
C GLN A 289 32.26 18.71 7.86
N ALA A 307 44.72 19.57 10.28
CA ALA A 307 45.68 18.48 10.41
C ALA A 307 45.57 17.51 9.21
N GLY A 308 46.69 16.91 8.82
CA GLY A 308 46.74 15.95 7.72
C GLY A 308 46.25 14.58 8.12
N ASN A 309 46.78 14.05 9.25
CA ASN A 309 46.39 12.73 9.77
C ASN A 309 45.21 12.87 10.75
N ILE A 310 44.23 11.96 10.62
CA ILE A 310 43.03 11.90 11.49
C ILE A 310 42.80 10.40 11.81
N THR A 311 42.45 10.09 13.06
CA THR A 311 42.27 8.70 13.48
C THR A 311 41.18 8.58 14.54
N CYS A 312 40.47 7.44 14.52
CA CYS A 312 39.43 7.07 15.46
C CYS A 312 39.58 5.60 15.75
N ILE A 313 39.50 5.21 17.02
CA ILE A 313 39.59 3.81 17.37
C ILE A 313 38.37 3.54 18.21
N SER A 314 37.24 3.37 17.53
CA SER A 314 35.96 3.12 18.16
C SER A 314 35.79 1.62 18.50
N ILE A 315 34.72 1.28 19.23
CA ILE A 315 34.48 -0.09 19.62
C ILE A 315 33.02 -0.47 19.28
N ILE A 316 32.80 -1.39 18.32
CA ILE A 316 31.46 -1.80 17.92
C ILE A 316 30.86 -2.62 19.05
N THR A 317 29.82 -2.09 19.67
CA THR A 317 29.10 -2.72 20.78
C THR A 317 27.77 -3.33 20.35
N GLY A 318 27.24 -2.93 19.19
CA GLY A 318 25.96 -3.44 18.70
C GLY A 318 25.73 -3.15 17.23
N LEU A 319 24.62 -3.69 16.71
CA LEU A 319 24.22 -3.52 15.31
C LEU A 319 22.77 -3.04 15.25
N LEU A 320 22.42 -2.35 14.17
CA LEU A 320 21.05 -1.92 13.90
C LEU A 320 20.70 -2.62 12.60
N LEU A 321 19.81 -3.61 12.65
CA LEU A 321 19.41 -4.36 11.45
C LEU A 321 17.95 -4.08 11.09
N THR A 322 17.58 -4.34 9.84
CA THR A 322 16.23 -4.22 9.32
C THR A 322 15.99 -5.46 8.47
N ARG A 323 14.90 -6.20 8.73
CA ARG A 323 14.57 -7.45 8.03
C ARG A 323 13.71 -7.25 6.76
N ASP A 324 14.12 -7.89 5.65
CA ASP A 324 13.36 -7.89 4.40
C ASP A 324 12.06 -8.70 4.56
N GLY A 325 11.23 -8.73 3.51
CA GLY A 325 10.02 -9.53 3.53
C GLY A 325 10.40 -11.00 3.55
N GLY A 326 9.88 -11.73 4.53
CA GLY A 326 10.20 -13.14 4.72
C GLY A 326 9.98 -13.99 3.49
N LYS A 327 11.07 -14.58 2.96
CA LYS A 327 10.94 -15.42 1.77
C LYS A 327 10.88 -16.90 2.17
N ASN A 328 10.51 -17.77 1.19
CA ASN A 328 10.37 -19.24 1.27
C ASN A 328 10.95 -19.89 2.56
N ASN A 329 12.28 -20.12 2.62
CA ASN A 329 12.96 -20.73 3.76
C ASN A 329 14.23 -19.94 4.09
N THR A 330 14.13 -18.60 4.06
CA THR A 330 15.25 -17.72 4.37
C THR A 330 14.72 -16.39 4.95
N GLU A 331 15.61 -15.70 5.69
CA GLU A 331 15.32 -14.41 6.28
C GLU A 331 16.57 -13.55 6.08
N THR A 332 16.42 -12.44 5.34
CA THR A 332 17.52 -11.54 5.04
C THR A 332 17.46 -10.30 5.94
N PHE A 333 18.62 -9.96 6.51
CA PHE A 333 18.83 -8.82 7.39
C PHE A 333 19.81 -7.90 6.72
N ARG A 334 19.62 -6.59 6.90
CA ARG A 334 20.46 -5.57 6.31
C ARG A 334 20.76 -4.51 7.34
N PRO A 335 21.92 -3.86 7.26
CA PRO A 335 22.22 -2.80 8.23
C PRO A 335 21.30 -1.59 8.05
N GLY A 336 20.66 -1.20 9.14
CA GLY A 336 19.75 -0.06 9.18
C GLY A 336 20.29 1.09 10.00
N GLY A 337 19.53 2.17 10.03
CA GLY A 337 19.88 3.36 10.78
C GLY A 337 19.04 4.54 10.31
N GLY A 338 19.58 5.75 10.48
CA GLY A 338 18.90 6.97 10.05
C GLY A 338 17.97 7.54 11.10
N ASN A 339 17.14 6.69 11.73
CA ASN A 339 16.29 7.16 12.81
C ASN A 339 17.21 7.25 14.04
N MET A 340 17.45 8.48 14.46
CA MET A 340 18.33 8.74 15.60
C MET A 340 17.76 8.19 16.92
N LYS A 341 16.40 7.99 17.01
CA LYS A 341 15.77 7.42 18.21
C LYS A 341 16.19 5.97 18.48
N ASP A 342 16.57 5.21 17.43
CA ASP A 342 17.06 3.83 17.60
C ASP A 342 18.37 3.83 18.43
N ASN A 343 19.22 4.84 18.18
CA ASN A 343 20.49 4.97 18.90
C ASN A 343 20.23 5.21 20.39
N TRP A 344 19.19 5.97 20.75
CA TRP A 344 18.91 6.25 22.17
C TRP A 344 18.09 5.14 22.82
N ARG A 345 17.31 4.39 22.01
CA ARG A 345 16.57 3.22 22.46
C ARG A 345 17.57 2.16 22.96
N SER A 346 18.70 1.98 22.24
CA SER A 346 19.70 0.98 22.65
C SER A 346 20.26 1.19 24.06
N GLU A 347 20.17 2.40 24.64
CA GLU A 347 20.70 2.65 25.98
C GLU A 347 19.61 2.93 26.99
N LEU A 348 18.53 3.61 26.56
CA LEU A 348 17.43 3.97 27.44
C LEU A 348 16.31 2.92 27.51
N TYR A 349 16.48 1.74 26.89
CA TYR A 349 15.44 0.70 26.96
C TYR A 349 15.17 0.21 28.40
N LYS A 350 16.11 0.47 29.35
CA LYS A 350 15.99 0.03 30.74
C LYS A 350 15.49 1.13 31.69
N TYR A 351 15.08 2.31 31.17
CA TYR A 351 14.60 3.39 32.03
C TYR A 351 13.19 3.83 31.65
N LYS A 352 12.49 4.48 32.59
CA LYS A 352 11.11 4.95 32.43
C LYS A 352 10.84 6.11 33.39
N VAL A 353 10.18 7.19 32.95
CA VAL A 353 9.88 8.31 33.83
C VAL A 353 8.46 8.21 34.32
N VAL A 354 8.28 8.30 35.64
CA VAL A 354 6.98 8.25 36.28
C VAL A 354 6.88 9.43 37.25
N GLU A 355 5.67 9.67 37.77
CA GLU A 355 5.44 10.73 38.74
C GLU A 355 5.69 10.14 40.13
N VAL A 356 6.28 10.93 41.05
CA VAL A 356 6.54 10.43 42.41
C VAL A 356 5.21 10.11 43.12
N GLN B 1 -6.72 20.59 2.24
CA GLN B 1 -5.33 21.07 2.36
C GLN B 1 -4.37 19.95 1.94
N VAL B 2 -4.40 18.80 2.65
CA VAL B 2 -3.52 17.67 2.38
C VAL B 2 -3.90 16.97 1.08
N GLN B 3 -3.01 17.05 0.07
CA GLN B 3 -3.24 16.48 -1.25
C GLN B 3 -2.08 15.55 -1.70
N LEU B 4 -2.40 14.53 -2.52
CA LEU B 4 -1.45 13.58 -3.10
C LEU B 4 -1.81 13.49 -4.60
N VAL B 5 -1.22 14.33 -5.43
CA VAL B 5 -1.53 14.36 -6.86
C VAL B 5 -0.71 13.34 -7.67
N GLN B 6 -1.35 12.65 -8.65
CA GLN B 6 -0.66 11.66 -9.49
C GLN B 6 -0.73 11.92 -11.02
N SER B 7 0.28 11.40 -11.73
CA SER B 7 0.50 11.56 -13.17
C SER B 7 -0.46 10.77 -14.13
N GLY B 8 -1.59 11.38 -14.48
CA GLY B 8 -2.57 10.87 -15.45
C GLY B 8 -2.74 9.38 -15.72
N ALA B 9 -2.10 8.85 -16.82
CA ALA B 9 -2.24 7.45 -17.26
C ALA B 9 -1.13 7.07 -18.24
N GLU B 10 -0.55 5.86 -18.11
CA GLU B 10 0.52 5.40 -18.99
C GLU B 10 0.23 4.04 -19.61
N VAL B 11 0.79 3.83 -20.80
CA VAL B 11 0.65 2.59 -21.55
C VAL B 11 2.07 2.16 -21.91
N LYS B 12 2.48 0.96 -21.49
CA LYS B 12 3.83 0.45 -21.74
C LYS B 12 3.78 -0.94 -22.35
N LYS B 13 4.76 -1.29 -23.21
CA LYS B 13 4.82 -2.61 -23.85
C LYS B 13 5.43 -3.66 -22.89
N PRO B 14 5.21 -4.98 -23.11
CA PRO B 14 5.81 -5.97 -22.20
C PRO B 14 7.35 -5.93 -22.18
N GLY B 15 7.94 -6.10 -21.00
CA GLY B 15 9.37 -6.01 -20.76
C GLY B 15 9.84 -4.63 -20.37
N ALA B 16 9.05 -3.60 -20.67
CA ALA B 16 9.39 -2.20 -20.41
C ALA B 16 9.38 -1.85 -18.87
N SER B 17 9.55 -0.53 -18.50
CA SER B 17 9.50 0.01 -17.15
C SER B 17 8.58 1.23 -17.12
N VAL B 18 8.10 1.59 -15.93
CA VAL B 18 7.26 2.78 -15.70
C VAL B 18 7.86 3.47 -14.53
N LYS B 19 7.75 4.80 -14.48
CA LYS B 19 8.16 5.57 -13.33
C LYS B 19 6.95 6.47 -13.03
N LEU B 20 6.22 6.18 -11.96
CA LEU B 20 5.06 6.98 -11.59
C LEU B 20 5.44 7.98 -10.51
N SER B 21 4.81 9.14 -10.54
CA SER B 21 5.04 10.23 -9.60
C SER B 21 3.90 10.34 -8.61
N CYS B 22 4.14 11.06 -7.51
CA CYS B 22 3.13 11.25 -6.47
C CYS B 22 3.51 12.51 -5.68
N LYS B 23 2.99 13.67 -6.13
CA LYS B 23 3.26 15.00 -5.56
C LYS B 23 2.50 15.25 -4.25
N ALA B 24 3.23 15.28 -3.14
CA ALA B 24 2.68 15.52 -1.82
C ALA B 24 2.69 17.01 -1.46
N SER B 25 1.65 17.47 -0.75
CA SER B 25 1.51 18.87 -0.33
C SER B 25 0.51 19.00 0.83
N GLY B 26 0.62 20.08 1.59
CA GLY B 26 -0.28 20.38 2.70
C GLY B 26 0.15 19.81 4.04
N TYR B 27 1.32 19.15 4.12
CA TYR B 27 1.82 18.56 5.36
C TYR B 27 3.35 18.33 5.29
N GLY B 28 3.95 17.86 6.40
CA GLY B 28 5.37 17.56 6.49
C GLY B 28 5.74 16.27 5.78
N PHE B 29 6.14 16.37 4.51
CA PHE B 29 6.48 15.22 3.68
C PHE B 29 7.44 14.17 4.33
N THR B 30 8.47 14.63 5.00
CA THR B 30 9.47 13.74 5.61
C THR B 30 9.03 13.13 6.93
N ILE B 31 7.86 13.53 7.50
CA ILE B 31 7.41 12.94 8.78
C ILE B 31 6.32 11.86 8.60
N TYR B 32 6.03 11.47 7.35
CA TYR B 32 5.04 10.46 6.98
C TYR B 32 5.62 9.63 5.84
N SER B 33 5.24 8.36 5.76
CA SER B 33 5.72 7.48 4.70
C SER B 33 4.88 7.58 3.44
N ILE B 34 5.35 6.99 2.32
CA ILE B 34 4.62 6.89 1.07
C ILE B 34 4.62 5.42 0.70
N ASN B 35 3.43 4.83 0.59
CA ASN B 35 3.27 3.44 0.17
C ASN B 35 2.63 3.42 -1.20
N TRP B 36 2.87 2.38 -1.98
CA TRP B 36 2.21 2.21 -3.28
C TRP B 36 1.36 0.93 -3.21
N VAL B 37 0.10 1.01 -3.67
CA VAL B 37 -0.84 -0.11 -3.64
C VAL B 37 -1.50 -0.16 -5.03
N ARG B 38 -1.56 -1.33 -5.66
CA ARG B 38 -2.16 -1.43 -6.99
C ARG B 38 -3.50 -2.22 -6.99
N GLN B 39 -4.24 -2.15 -8.09
CA GLN B 39 -5.52 -2.79 -8.22
C GLN B 39 -5.82 -3.21 -9.65
N ALA B 40 -5.72 -4.51 -9.96
CA ALA B 40 -6.09 -4.98 -11.32
C ALA B 40 -7.58 -4.73 -11.57
N PRO B 41 -8.03 -4.60 -12.84
CA PRO B 41 -9.46 -4.32 -13.08
C PRO B 41 -10.40 -5.37 -12.47
N GLY B 42 -11.38 -4.91 -11.69
CA GLY B 42 -12.31 -5.79 -11.01
C GLY B 42 -11.73 -6.62 -9.87
N GLN B 43 -10.41 -6.48 -9.59
CA GLN B 43 -9.72 -7.24 -8.54
C GLN B 43 -9.53 -6.37 -7.27
N GLY B 44 -9.05 -6.99 -6.19
CA GLY B 44 -8.82 -6.32 -4.92
C GLY B 44 -7.54 -5.51 -4.85
N LEU B 45 -7.03 -5.27 -3.63
CA LEU B 45 -5.84 -4.45 -3.40
C LEU B 45 -4.59 -5.26 -3.07
N GLU B 46 -3.44 -4.73 -3.54
CA GLU B 46 -2.15 -5.36 -3.37
C GLU B 46 -1.09 -4.30 -3.05
N TRP B 47 -0.48 -4.37 -1.85
CA TRP B 47 0.57 -3.45 -1.41
C TRP B 47 1.91 -3.81 -2.09
N MET B 48 2.65 -2.82 -2.59
CA MET B 48 3.89 -2.98 -3.33
C MET B 48 5.13 -2.68 -2.52
N GLY B 49 5.04 -1.72 -1.61
CA GLY B 49 6.18 -1.34 -0.77
C GLY B 49 6.04 0.03 -0.15
N TRP B 50 7.00 0.41 0.72
CA TRP B 50 7.03 1.71 1.39
C TRP B 50 8.41 2.40 1.28
N ILE B 51 8.43 3.71 1.59
CA ILE B 51 9.62 4.54 1.61
C ILE B 51 9.52 5.53 2.76
N ASN B 52 10.66 5.85 3.38
CA ASN B 52 10.74 6.85 4.45
C ASN B 52 11.27 8.09 3.74
N PRO B 53 10.43 9.07 3.38
CA PRO B 53 10.95 10.22 2.62
C PRO B 53 12.04 11.05 3.32
N ARG B 54 12.21 10.91 4.64
CA ARG B 54 13.26 11.62 5.33
C ARG B 54 14.64 11.13 4.88
N ASN B 55 14.95 9.84 5.06
CA ASN B 55 16.27 9.24 4.77
C ASN B 55 16.33 8.33 3.53
N GLY B 56 15.20 8.03 2.92
CA GLY B 56 15.14 7.21 1.71
C GLY B 56 15.07 5.72 1.92
N ARG B 57 14.84 5.26 3.19
CA ARG B 57 14.75 3.82 3.50
C ARG B 57 13.58 3.21 2.73
N ILE B 58 13.73 1.99 2.23
CA ILE B 58 12.66 1.31 1.50
C ILE B 58 12.45 -0.14 1.96
N GLY B 59 11.25 -0.62 1.73
CA GLY B 59 10.86 -1.99 2.03
C GLY B 59 9.84 -2.42 0.99
N TYR B 60 10.20 -3.38 0.12
CA TYR B 60 9.31 -3.84 -0.94
C TYR B 60 8.62 -5.16 -0.63
N ALA B 61 7.47 -5.39 -1.28
CA ALA B 61 6.76 -6.66 -1.16
C ALA B 61 7.63 -7.71 -1.88
N GLN B 62 7.77 -8.89 -1.28
CA GLN B 62 8.61 -9.98 -1.82
C GLN B 62 8.35 -10.31 -3.30
N LYS B 63 7.10 -10.22 -3.78
CA LYS B 63 6.82 -10.53 -5.18
C LYS B 63 7.35 -9.43 -6.14
N PHE B 64 7.54 -8.19 -5.65
CA PHE B 64 8.07 -7.06 -6.44
C PHE B 64 9.55 -6.71 -6.11
N GLN B 65 10.13 -7.36 -5.06
CA GLN B 65 11.50 -7.18 -4.55
C GLN B 65 12.57 -6.77 -5.59
N ASP B 66 12.91 -7.64 -6.57
CA ASP B 66 14.00 -7.34 -7.52
C ASP B 66 13.52 -6.72 -8.86
N ARG B 67 12.37 -6.04 -8.86
CA ARG B 67 11.87 -5.35 -10.06
C ARG B 67 11.17 -4.02 -9.75
N VAL B 68 11.36 -3.45 -8.55
CA VAL B 68 10.74 -2.17 -8.20
C VAL B 68 11.76 -1.31 -7.48
N THR B 69 11.69 0.01 -7.73
CA THR B 69 12.59 0.98 -7.11
C THR B 69 11.79 2.16 -6.64
N MET B 70 11.75 2.41 -5.33
CA MET B 70 11.05 3.57 -4.79
C MET B 70 12.11 4.55 -4.31
N THR B 71 11.97 5.81 -4.74
CA THR B 71 12.89 6.92 -4.44
C THR B 71 12.03 8.18 -4.22
N ARG B 72 12.62 9.27 -3.74
CA ARG B 72 11.90 10.53 -3.58
C ARG B 72 12.80 11.74 -3.86
N ASP B 73 12.19 12.90 -4.04
CA ASP B 73 12.91 14.14 -4.26
C ASP B 73 12.33 15.15 -3.26
N THR B 74 12.95 15.23 -2.07
CA THR B 74 12.50 16.10 -0.98
C THR B 74 12.55 17.60 -1.34
N SER B 75 13.37 17.97 -2.35
CA SER B 75 13.41 19.34 -2.85
C SER B 75 12.09 19.75 -3.55
N THR B 76 11.21 18.78 -3.92
CA THR B 76 9.90 19.04 -4.54
C THR B 76 8.73 18.27 -3.88
N SER B 77 9.01 17.43 -2.87
CA SER B 77 7.98 16.61 -2.19
C SER B 77 7.25 15.65 -3.20
N ILE B 78 8.02 15.12 -4.16
CA ILE B 78 7.54 14.15 -5.13
C ILE B 78 8.08 12.78 -4.70
N ALA B 79 7.26 11.72 -4.86
CA ALA B 79 7.65 10.35 -4.52
C ALA B 79 7.48 9.48 -5.78
N TYR B 80 8.51 8.71 -6.12
CA TYR B 80 8.54 7.88 -7.31
C TYR B 80 8.52 6.39 -6.98
N MET B 81 8.05 5.59 -7.96
CA MET B 81 8.01 4.14 -7.91
C MET B 81 8.25 3.64 -9.34
N GLU B 82 9.32 2.85 -9.53
CA GLU B 82 9.67 2.36 -10.84
C GLU B 82 9.49 0.88 -10.89
N LEU B 83 8.59 0.38 -11.75
CA LEU B 83 8.36 -1.06 -11.89
C LEU B 83 8.92 -1.51 -13.24
N GLY B 84 9.94 -2.34 -13.20
CA GLY B 84 10.59 -2.88 -14.40
C GLY B 84 10.10 -4.24 -14.80
N SER B 85 10.47 -4.66 -16.04
CA SER B 85 10.16 -5.95 -16.63
C SER B 85 8.67 -6.21 -16.59
N LEU B 86 7.89 -5.25 -17.10
CA LEU B 86 6.44 -5.33 -17.04
C LEU B 86 5.91 -6.54 -17.78
N ARG B 87 4.95 -7.23 -17.15
CA ARG B 87 4.25 -8.40 -17.68
C ARG B 87 2.83 -7.91 -17.88
N TYR B 88 2.02 -8.61 -18.68
CA TYR B 88 0.62 -8.20 -18.89
C TYR B 88 -0.16 -8.19 -17.55
N GLU B 89 0.23 -9.06 -16.59
CA GLU B 89 -0.36 -9.15 -15.26
C GLU B 89 -0.08 -7.91 -14.38
N ASP B 90 0.69 -6.92 -14.89
CA ASP B 90 0.93 -5.65 -14.20
C ASP B 90 -0.07 -4.56 -14.62
N THR B 91 -0.97 -4.84 -15.62
CA THR B 91 -1.98 -3.88 -16.03
C THR B 91 -2.92 -3.67 -14.82
N ALA B 92 -2.88 -2.50 -14.20
CA ALA B 92 -3.65 -2.19 -12.98
C ALA B 92 -3.65 -0.65 -12.70
N VAL B 93 -4.49 -0.15 -11.76
CA VAL B 93 -4.44 1.26 -11.37
C VAL B 93 -3.47 1.31 -10.17
N TYR B 94 -2.45 2.20 -10.22
CA TYR B 94 -1.43 2.31 -9.15
C TYR B 94 -1.67 3.53 -8.29
N PHE B 95 -1.96 3.33 -7.01
CA PHE B 95 -2.18 4.44 -6.08
C PHE B 95 -0.97 4.60 -5.16
N CYS B 96 -0.75 5.84 -4.72
CA CYS B 96 0.23 6.16 -3.70
C CYS B 96 -0.56 6.64 -2.50
N THR B 97 -0.04 6.41 -1.30
CA THR B 97 -0.76 6.75 -0.08
C THR B 97 0.17 7.13 1.03
N ARG B 98 -0.30 8.02 1.91
CA ARG B 98 0.44 8.47 3.06
C ARG B 98 0.29 7.46 4.18
N GLY B 99 1.39 7.08 4.81
CA GLY B 99 1.40 6.17 5.93
C GLY B 99 2.24 6.69 7.09
N GLN B 100 2.48 5.85 8.07
CA GLN B 100 3.26 6.20 9.26
C GLN B 100 4.75 5.81 9.11
N LEU B 101 5.57 6.09 10.14
CA LEU B 101 7.01 5.76 10.20
C LEU B 101 7.36 5.28 11.61
N GLU B 102 8.52 4.63 11.75
CA GLU B 102 8.99 4.15 13.05
C GLU B 102 8.22 2.90 13.56
N LEU B 103 6.95 3.02 13.97
CA LEU B 103 6.19 1.88 14.51
C LEU B 103 5.60 1.01 13.42
N THR B 104 5.13 1.64 12.35
CA THR B 104 4.57 0.95 11.19
C THR B 104 4.58 1.89 9.99
N ALA B 105 4.46 1.34 8.78
CA ALA B 105 4.29 2.15 7.56
C ALA B 105 2.78 2.15 7.16
N SER B 106 1.87 1.53 7.97
CA SER B 106 0.45 1.38 7.65
C SER B 106 -0.41 2.63 8.06
N ARG B 107 -1.76 2.51 8.09
CA ARG B 107 -2.66 3.60 8.40
C ARG B 107 -2.64 4.55 7.22
N PHE B 108 -3.12 4.08 6.08
CA PHE B 108 -3.15 4.87 4.84
C PHE B 108 -4.27 5.91 4.91
N ASP B 109 -4.00 7.04 5.57
CA ASP B 109 -4.97 8.10 5.82
C ASP B 109 -5.22 9.06 4.62
N LYS B 110 -4.26 9.21 3.68
CA LYS B 110 -4.47 10.06 2.50
C LYS B 110 -4.10 9.25 1.25
N TRP B 111 -4.85 9.39 0.15
CA TRP B 111 -4.60 8.59 -1.06
C TRP B 111 -4.60 9.42 -2.32
N GLY B 112 -3.77 9.04 -3.29
CA GLY B 112 -3.78 9.65 -4.61
C GLY B 112 -4.97 9.17 -5.43
N GLN B 113 -5.25 9.82 -6.57
CA GLN B 113 -6.39 9.43 -7.41
C GLN B 113 -6.09 8.23 -8.35
N GLY B 114 -4.90 7.64 -8.26
CA GLY B 114 -4.52 6.50 -9.08
C GLY B 114 -4.02 6.85 -10.47
N VAL B 115 -3.32 5.89 -11.11
CA VAL B 115 -2.76 6.03 -12.45
C VAL B 115 -2.96 4.69 -13.18
N PRO B 116 -3.85 4.62 -14.19
CA PRO B 116 -3.99 3.36 -14.95
C PRO B 116 -2.72 3.09 -15.74
N VAL B 117 -2.22 1.86 -15.67
CA VAL B 117 -1.03 1.48 -16.41
C VAL B 117 -1.37 0.23 -17.20
N THR B 118 -1.69 0.40 -18.49
CA THR B 118 -1.96 -0.73 -19.36
C THR B 118 -0.62 -1.28 -19.88
N VAL B 119 -0.49 -2.62 -19.93
CA VAL B 119 0.71 -3.29 -20.41
C VAL B 119 0.23 -4.19 -21.51
N SER B 120 0.59 -3.86 -22.75
CA SER B 120 0.11 -4.60 -23.92
C SER B 120 0.97 -4.30 -25.17
N GLY B 121 0.90 -5.20 -26.13
CA GLY B 121 1.56 -5.03 -27.41
C GLY B 121 0.68 -4.37 -28.46
N ALA B 122 -0.55 -3.96 -28.09
CA ALA B 122 -1.46 -3.34 -29.03
C ALA B 122 -1.05 -1.90 -29.32
N SER B 123 -1.45 -1.41 -30.50
CA SER B 123 -1.20 -0.05 -30.96
C SER B 123 -2.46 0.79 -30.73
N THR B 124 -2.29 2.11 -30.69
CA THR B 124 -3.39 3.03 -30.47
C THR B 124 -4.40 3.01 -31.63
N LYS B 125 -5.48 2.23 -31.50
CA LYS B 125 -6.52 2.11 -32.52
C LYS B 125 -7.83 2.78 -32.03
N GLY B 126 -8.53 3.43 -32.96
CA GLY B 126 -9.78 4.09 -32.66
C GLY B 126 -10.96 3.11 -32.71
N PRO B 127 -12.08 3.45 -32.05
CA PRO B 127 -13.23 2.54 -32.08
C PRO B 127 -14.01 2.62 -33.37
N SER B 128 -14.76 1.55 -33.65
CA SER B 128 -15.68 1.45 -34.77
C SER B 128 -17.02 1.44 -34.05
N VAL B 129 -17.83 2.47 -34.25
CA VAL B 129 -19.10 2.60 -33.55
C VAL B 129 -20.25 2.11 -34.40
N PHE B 130 -20.79 0.93 -34.11
CA PHE B 130 -21.94 0.40 -34.84
C PHE B 130 -23.24 0.64 -34.05
N PRO B 131 -24.40 0.73 -34.72
CA PRO B 131 -25.65 0.99 -33.99
C PRO B 131 -26.32 -0.28 -33.48
N LEU B 132 -27.17 -0.12 -32.46
CA LEU B 132 -27.98 -1.17 -31.86
C LEU B 132 -29.41 -0.70 -32.07
N ALA B 133 -29.98 -1.11 -33.21
CA ALA B 133 -31.29 -0.67 -33.70
C ALA B 133 -32.46 -1.03 -32.79
N PRO B 134 -33.34 -0.05 -32.49
CA PRO B 134 -34.54 -0.38 -31.69
C PRO B 134 -35.45 -1.30 -32.48
N SER B 135 -35.96 -2.37 -31.83
CA SER B 135 -36.85 -3.35 -32.48
C SER B 135 -38.04 -2.67 -33.18
N SER B 136 -38.33 -3.07 -34.44
CA SER B 136 -39.44 -2.49 -35.23
C SER B 136 -40.78 -2.59 -34.46
N LYS B 137 -40.93 -3.62 -33.58
CA LYS B 137 -42.09 -3.77 -32.70
C LYS B 137 -41.73 -3.17 -31.30
N SER B 138 -40.89 -3.87 -30.47
CA SER B 138 -40.47 -3.42 -29.12
C SER B 138 -41.72 -3.07 -28.27
N THR B 139 -42.67 -4.04 -28.18
CA THR B 139 -43.97 -3.93 -27.48
C THR B 139 -44.98 -3.04 -28.25
N SER B 140 -44.56 -2.31 -29.33
CA SER B 140 -45.40 -1.40 -30.13
C SER B 140 -46.10 -0.33 -29.26
N GLY B 141 -45.41 0.09 -28.21
CA GLY B 141 -45.88 1.01 -27.19
C GLY B 141 -45.14 0.76 -25.89
N GLY B 142 -45.05 1.78 -25.06
CA GLY B 142 -44.30 1.69 -23.83
C GLY B 142 -42.81 1.86 -24.08
N THR B 143 -41.98 1.49 -23.11
CA THR B 143 -40.53 1.67 -23.23
C THR B 143 -39.88 0.74 -24.27
N ALA B 144 -38.89 1.27 -25.00
CA ALA B 144 -38.09 0.56 -26.01
C ALA B 144 -36.60 0.88 -25.79
N ALA B 145 -35.71 -0.03 -26.22
CA ALA B 145 -34.27 0.17 -26.06
C ALA B 145 -33.53 0.37 -27.38
N LEU B 146 -32.42 1.11 -27.32
CA LEU B 146 -31.52 1.41 -28.45
C LEU B 146 -30.18 1.89 -27.91
N GLY B 147 -29.12 1.64 -28.67
CA GLY B 147 -27.79 2.01 -28.21
C GLY B 147 -26.72 1.95 -29.27
N CYS B 148 -25.46 1.95 -28.84
CA CYS B 148 -24.30 1.90 -29.70
C CYS B 148 -23.34 0.82 -29.21
N LEU B 149 -22.58 0.27 -30.15
CA LEU B 149 -21.58 -0.74 -29.88
C LEU B 149 -20.22 -0.17 -30.27
N VAL B 150 -19.52 0.34 -29.29
CA VAL B 150 -18.20 0.94 -29.47
C VAL B 150 -17.21 -0.23 -29.46
N LYS B 151 -16.74 -0.67 -30.66
CA LYS B 151 -15.90 -1.88 -30.76
C LYS B 151 -14.49 -1.67 -31.28
N ASP B 152 -13.57 -2.58 -30.84
CA ASP B 152 -12.18 -2.69 -31.25
C ASP B 152 -11.36 -1.39 -31.14
N TYR B 153 -11.07 -0.98 -29.90
CA TYR B 153 -10.25 0.20 -29.62
C TYR B 153 -9.20 -0.09 -28.58
N PHE B 154 -8.09 0.63 -28.66
CA PHE B 154 -7.03 0.50 -27.68
C PHE B 154 -6.32 1.86 -27.54
N PRO B 155 -5.96 2.33 -26.33
CA PRO B 155 -6.19 1.77 -24.99
C PRO B 155 -7.52 2.30 -24.42
N GLU B 156 -7.69 2.27 -23.11
CA GLU B 156 -8.83 2.91 -22.45
C GLU B 156 -8.46 4.39 -22.29
N PRO B 157 -9.41 5.33 -22.15
CA PRO B 157 -10.86 5.18 -22.03
C PRO B 157 -11.61 5.68 -23.26
N VAL B 158 -12.90 5.39 -23.28
CA VAL B 158 -13.82 5.84 -24.31
C VAL B 158 -14.94 6.56 -23.52
N THR B 159 -15.35 7.74 -23.96
CA THR B 159 -16.42 8.49 -23.28
C THR B 159 -17.62 8.54 -24.20
N VAL B 160 -18.78 8.03 -23.74
CA VAL B 160 -20.01 8.04 -24.52
C VAL B 160 -21.05 8.87 -23.79
N SER B 161 -21.76 9.70 -24.55
CA SER B 161 -22.83 10.56 -24.08
C SER B 161 -23.99 10.48 -25.09
N TRP B 162 -25.19 10.98 -24.75
CA TRP B 162 -26.34 10.92 -25.66
C TRP B 162 -26.92 12.29 -25.95
N ASN B 163 -27.08 12.62 -27.25
CA ASN B 163 -27.63 13.89 -27.73
C ASN B 163 -26.87 15.07 -27.11
N SER B 164 -25.54 14.98 -27.17
CA SER B 164 -24.62 15.97 -26.64
C SER B 164 -24.87 16.27 -25.15
N GLY B 165 -25.31 15.27 -24.39
CA GLY B 165 -25.58 15.41 -22.97
C GLY B 165 -27.01 15.76 -22.60
N ALA B 166 -27.88 16.00 -23.60
CA ALA B 166 -29.29 16.32 -23.33
C ALA B 166 -30.03 15.11 -22.76
N LEU B 167 -29.72 13.91 -23.25
CA LEU B 167 -30.35 12.68 -22.79
C LEU B 167 -29.47 12.03 -21.74
N THR B 168 -29.91 12.12 -20.46
CA THR B 168 -29.16 11.65 -19.28
C THR B 168 -29.84 10.43 -18.60
N SER B 169 -31.17 10.49 -18.36
CA SER B 169 -31.88 9.41 -17.68
C SER B 169 -32.09 8.21 -18.58
N GLY B 170 -32.11 7.03 -17.98
CA GLY B 170 -32.29 5.79 -18.72
C GLY B 170 -31.06 5.31 -19.46
N VAL B 171 -29.94 6.12 -19.49
CA VAL B 171 -28.70 5.73 -20.18
C VAL B 171 -27.83 4.85 -19.27
N HIS B 172 -27.09 3.93 -19.88
CA HIS B 172 -26.20 2.99 -19.19
C HIS B 172 -24.99 2.70 -20.07
N THR B 173 -23.83 3.34 -19.82
CA THR B 173 -22.62 3.01 -20.58
C THR B 173 -22.03 1.86 -19.78
N PHE B 174 -21.94 0.67 -20.39
CA PHE B 174 -21.41 -0.48 -19.66
C PHE B 174 -19.89 -0.43 -19.59
N PRO B 175 -19.27 -1.02 -18.54
CA PRO B 175 -17.81 -1.13 -18.54
C PRO B 175 -17.30 -1.90 -19.77
N ALA B 176 -16.11 -1.56 -20.27
CA ALA B 176 -15.54 -2.23 -21.44
C ALA B 176 -15.02 -3.63 -21.11
N VAL B 177 -14.82 -4.48 -22.13
CA VAL B 177 -14.29 -5.82 -21.95
C VAL B 177 -13.09 -6.00 -22.87
N LEU B 178 -12.01 -6.62 -22.36
CA LEU B 178 -10.83 -6.87 -23.16
C LEU B 178 -11.00 -8.16 -23.96
N GLN B 179 -11.18 -8.03 -25.27
CA GLN B 179 -11.37 -9.17 -26.17
C GLN B 179 -10.04 -9.97 -26.33
N SER B 180 -10.14 -11.14 -26.98
CA SER B 180 -9.00 -12.02 -27.27
C SER B 180 -7.94 -11.28 -28.10
N SER B 181 -8.38 -10.44 -29.03
CA SER B 181 -7.48 -9.66 -29.88
C SER B 181 -6.69 -8.58 -29.11
N GLY B 182 -6.94 -8.39 -27.82
CA GLY B 182 -6.28 -7.35 -27.06
C GLY B 182 -6.90 -5.98 -27.26
N LEU B 183 -8.13 -5.91 -27.83
CA LEU B 183 -8.81 -4.64 -28.04
C LEU B 183 -10.06 -4.58 -27.17
N TYR B 184 -10.35 -3.40 -26.66
CA TYR B 184 -11.50 -3.19 -25.81
C TYR B 184 -12.78 -3.01 -26.62
N SER B 185 -13.93 -3.19 -25.96
CA SER B 185 -15.23 -3.02 -26.59
C SER B 185 -16.28 -2.82 -25.50
N LEU B 186 -17.12 -1.79 -25.67
CA LEU B 186 -18.21 -1.48 -24.74
C LEU B 186 -19.49 -1.13 -25.49
N SER B 187 -20.60 -1.22 -24.77
CA SER B 187 -21.91 -0.88 -25.28
C SER B 187 -22.49 0.24 -24.42
N SER B 188 -23.30 1.07 -25.03
CA SER B 188 -24.02 2.10 -24.33
C SER B 188 -25.45 2.00 -24.82
N VAL B 189 -26.41 2.10 -23.91
CA VAL B 189 -27.81 1.91 -24.25
C VAL B 189 -28.67 2.84 -23.44
N VAL B 190 -29.85 3.11 -23.94
CA VAL B 190 -30.81 3.98 -23.28
C VAL B 190 -32.21 3.46 -23.59
N THR B 191 -33.12 3.60 -22.63
CA THR B 191 -34.51 3.18 -22.82
C THR B 191 -35.33 4.46 -22.96
N VAL B 192 -35.97 4.64 -24.12
CA VAL B 192 -36.81 5.80 -24.43
C VAL B 192 -38.20 5.28 -24.84
N PRO B 193 -39.28 6.08 -24.67
CA PRO B 193 -40.61 5.60 -25.07
C PRO B 193 -40.72 5.31 -26.58
N SER B 194 -41.51 4.31 -26.95
CA SER B 194 -41.74 3.97 -28.36
C SER B 194 -42.39 5.15 -29.09
N SER B 195 -43.26 5.89 -28.37
CA SER B 195 -43.95 7.10 -28.86
C SER B 195 -42.97 8.09 -29.51
N SER B 196 -41.76 8.23 -28.93
CA SER B 196 -40.77 9.16 -29.42
C SER B 196 -39.97 8.73 -30.65
N LEU B 197 -40.17 7.51 -31.21
CA LEU B 197 -39.40 7.09 -32.39
C LEU B 197 -39.78 7.92 -33.62
N GLY B 198 -38.78 8.48 -34.31
CA GLY B 198 -38.99 9.37 -35.45
C GLY B 198 -39.14 10.79 -34.96
N THR B 199 -40.08 11.00 -34.02
CA THR B 199 -40.35 12.29 -33.37
C THR B 199 -39.09 12.87 -32.69
N GLN B 200 -38.20 11.99 -32.17
CA GLN B 200 -36.99 12.41 -31.48
C GLN B 200 -35.79 11.71 -32.09
N THR B 201 -34.80 12.48 -32.53
CA THR B 201 -33.59 11.93 -33.14
C THR B 201 -32.60 11.62 -32.01
N TYR B 202 -32.09 10.37 -31.95
CA TYR B 202 -31.11 9.95 -30.94
C TYR B 202 -29.73 9.75 -31.58
N ILE B 203 -28.69 10.31 -30.93
CA ILE B 203 -27.31 10.25 -31.39
C ILE B 203 -26.41 9.95 -30.22
N CYS B 204 -25.54 8.93 -30.32
CA CYS B 204 -24.57 8.67 -29.26
C CYS B 204 -23.23 9.33 -29.66
N ASN B 205 -22.57 9.96 -28.68
CA ASN B 205 -21.33 10.70 -28.90
C ASN B 205 -20.14 9.98 -28.27
N VAL B 206 -19.37 9.28 -29.10
CA VAL B 206 -18.20 8.51 -28.68
C VAL B 206 -16.93 9.34 -28.87
N ASN B 207 -16.11 9.49 -27.81
CA ASN B 207 -14.90 10.31 -27.85
C ASN B 207 -13.68 9.52 -27.29
N HIS B 208 -12.81 8.98 -28.17
CA HIS B 208 -11.60 8.25 -27.75
C HIS B 208 -10.43 9.21 -27.92
N LYS B 209 -10.02 9.84 -26.82
CA LYS B 209 -8.95 10.83 -26.85
C LYS B 209 -7.62 10.24 -27.31
N PRO B 210 -7.17 9.05 -26.82
CA PRO B 210 -5.88 8.51 -27.31
C PRO B 210 -5.66 8.51 -28.82
N SER B 211 -6.66 8.14 -29.63
CA SER B 211 -6.52 8.12 -31.09
C SER B 211 -7.14 9.37 -31.77
N ASN B 212 -7.64 10.35 -30.99
CA ASN B 212 -8.28 11.56 -31.51
C ASN B 212 -9.50 11.21 -32.35
N THR B 213 -10.27 10.21 -31.93
CA THR B 213 -11.46 9.79 -32.66
C THR B 213 -12.70 10.40 -31.99
N LYS B 214 -13.55 11.02 -32.80
CA LYS B 214 -14.79 11.61 -32.36
C LYS B 214 -15.83 11.08 -33.34
N VAL B 215 -16.83 10.35 -32.84
CA VAL B 215 -17.87 9.75 -33.68
C VAL B 215 -19.24 10.05 -33.10
N ASP B 216 -20.19 10.42 -33.96
CA ASP B 216 -21.56 10.75 -33.57
C ASP B 216 -22.48 9.92 -34.43
N LYS B 217 -22.91 8.74 -33.96
CA LYS B 217 -23.76 7.87 -34.75
C LYS B 217 -25.24 8.08 -34.43
N ARG B 218 -26.05 8.22 -35.49
CA ARG B 218 -27.49 8.37 -35.38
C ARG B 218 -28.06 6.96 -35.33
N VAL B 219 -28.82 6.65 -34.28
CA VAL B 219 -29.42 5.33 -34.12
C VAL B 219 -30.91 5.44 -34.44
N GLU B 220 -31.40 4.53 -35.29
CA GLU B 220 -32.78 4.59 -35.75
C GLU B 220 -33.29 3.22 -36.21
N PRO B 221 -34.62 3.00 -36.20
CA PRO B 221 -35.14 1.69 -36.64
C PRO B 221 -35.20 1.53 -38.15
N LYS B 222 -35.41 0.30 -38.64
CA LYS B 222 -35.54 -0.01 -40.08
C LYS B 222 -36.70 -1.02 -40.31
N SER B 223 -37.06 -1.30 -41.59
CA SER B 223 -38.14 -2.24 -41.92
C SER B 223 -37.89 -2.87 -43.28
N ASP C 1 2.93 -14.95 4.20
CA ASP C 1 1.89 -13.93 4.07
C ASP C 1 0.78 -14.16 5.11
N ILE C 2 0.28 -13.08 5.75
CA ILE C 2 -0.80 -13.19 6.72
C ILE C 2 -2.10 -13.10 5.93
N VAL C 3 -2.72 -14.26 5.64
CA VAL C 3 -3.98 -14.26 4.89
C VAL C 3 -5.08 -13.65 5.78
N MET C 4 -5.84 -12.72 5.19
CA MET C 4 -6.94 -12.01 5.82
C MET C 4 -8.21 -12.54 5.19
N THR C 5 -9.13 -13.05 6.02
CA THR C 5 -10.38 -13.66 5.53
C THR C 5 -11.60 -12.87 5.96
N GLN C 6 -12.26 -12.20 5.00
CA GLN C 6 -13.49 -11.46 5.30
C GLN C 6 -14.72 -12.30 5.09
N SER C 7 -15.72 -12.05 5.92
CA SER C 7 -16.99 -12.75 5.88
C SER C 7 -18.08 -11.68 6.18
N PRO C 8 -19.06 -11.40 5.30
CA PRO C 8 -19.37 -12.00 4.00
C PRO C 8 -18.83 -11.20 2.82
N LEU C 9 -18.71 -11.84 1.66
CA LEU C 9 -18.25 -11.18 0.45
C LEU C 9 -19.34 -10.24 -0.13
N SER C 10 -20.63 -10.58 0.07
CA SER C 10 -21.75 -9.78 -0.40
C SER C 10 -22.60 -9.40 0.80
N LEU C 11 -23.15 -8.17 0.80
CA LEU C 11 -23.95 -7.70 1.92
C LEU C 11 -24.93 -6.61 1.50
N PRO C 12 -26.14 -7.01 1.04
CA PRO C 12 -27.18 -6.01 0.76
C PRO C 12 -27.84 -5.62 2.06
N VAL C 13 -28.02 -4.31 2.29
CA VAL C 13 -28.56 -3.80 3.54
C VAL C 13 -29.68 -2.81 3.26
N THR C 14 -30.81 -2.95 3.96
CA THR C 14 -31.90 -1.99 3.83
C THR C 14 -31.42 -0.72 4.55
N PRO C 15 -31.42 0.47 3.90
CA PRO C 15 -30.86 1.66 4.56
C PRO C 15 -31.54 2.01 5.88
N GLY C 16 -30.74 2.46 6.84
CA GLY C 16 -31.22 2.79 8.18
C GLY C 16 -30.96 1.67 9.17
N GLU C 17 -30.94 0.41 8.70
CA GLU C 17 -30.68 -0.75 9.55
C GLU C 17 -29.15 -0.94 9.75
N PRO C 18 -28.69 -1.70 10.77
CA PRO C 18 -27.24 -1.83 11.00
C PRO C 18 -26.58 -2.89 10.13
N ALA C 19 -25.25 -2.82 10.02
CA ALA C 19 -24.45 -3.79 9.27
C ALA C 19 -23.18 -4.14 10.04
N ALA C 20 -22.65 -5.34 9.77
CA ALA C 20 -21.42 -5.81 10.42
C ALA C 20 -20.62 -6.63 9.41
N ILE C 21 -19.29 -6.52 9.48
CA ILE C 21 -18.40 -7.25 8.59
C ILE C 21 -17.31 -7.82 9.44
N SER C 22 -16.99 -9.10 9.30
CA SER C 22 -15.93 -9.72 10.07
C SER C 22 -14.64 -9.85 9.23
N CYS C 23 -13.49 -9.88 9.92
CA CYS C 23 -12.18 -10.06 9.34
C CYS C 23 -11.41 -10.98 10.29
N ARG C 24 -10.79 -12.05 9.77
CA ARG C 24 -10.07 -13.01 10.59
C ARG C 24 -8.70 -13.26 9.96
N SER C 25 -7.61 -13.07 10.71
CA SER C 25 -6.24 -13.23 10.19
C SER C 25 -5.64 -14.55 10.63
N SER C 26 -4.81 -15.13 9.78
CA SER C 26 -4.12 -16.40 10.06
C SER C 26 -3.07 -16.33 11.16
N GLN C 27 -2.66 -15.11 11.55
CA GLN C 27 -1.68 -14.87 12.58
C GLN C 27 -2.20 -13.74 13.46
N SER C 28 -1.68 -13.62 14.68
CA SER C 28 -2.06 -12.54 15.58
C SER C 28 -1.55 -11.22 15.00
N LEU C 29 -2.33 -10.14 15.11
CA LEU C 29 -1.87 -8.82 14.64
C LEU C 29 -1.42 -7.91 15.80
N LEU C 30 -1.19 -8.48 17.00
CA LEU C 30 -0.71 -7.72 18.14
C LEU C 30 0.81 -7.64 18.04
N ASP C 31 1.35 -6.42 17.98
CA ASP C 31 2.79 -6.21 17.95
C ASP C 31 3.26 -6.30 19.41
N ARG C 32 3.78 -7.46 19.84
CA ARG C 32 4.18 -7.67 21.24
C ARG C 32 5.37 -6.78 21.69
N ALA C 33 6.16 -6.25 20.74
CA ALA C 33 7.23 -5.31 21.07
C ALA C 33 6.72 -3.87 21.31
N ASP C 34 5.44 -3.58 20.99
CA ASP C 34 4.80 -2.28 20.98
C ASP C 34 3.53 -2.16 21.82
N GLY C 35 2.70 -3.19 21.88
CA GLY C 35 1.42 -3.14 22.55
C GLY C 35 0.26 -2.75 21.63
N ASN C 36 0.56 -2.23 20.41
CA ASN C 36 -0.46 -1.84 19.43
C ASN C 36 -0.86 -3.02 18.52
N THR C 37 -2.12 -3.02 18.03
CA THR C 37 -2.66 -4.05 17.13
C THR C 37 -2.88 -3.37 15.76
N TYR C 38 -2.06 -3.70 14.75
CA TYR C 38 -2.13 -3.04 13.45
C TYR C 38 -3.13 -3.64 12.46
N LEU C 39 -4.40 -3.20 12.57
CA LEU C 39 -5.46 -3.57 11.65
C LEU C 39 -6.27 -2.34 11.30
N ASP C 40 -6.49 -2.15 9.99
CA ASP C 40 -7.25 -1.02 9.47
C ASP C 40 -8.45 -1.49 8.64
N TRP C 41 -9.42 -0.61 8.44
CA TRP C 41 -10.60 -0.86 7.62
C TRP C 41 -10.62 0.25 6.59
N TYR C 42 -10.60 -0.11 5.30
CA TYR C 42 -10.66 0.84 4.18
C TYR C 42 -11.99 0.68 3.45
N LEU C 43 -12.50 1.78 2.88
CA LEU C 43 -13.72 1.78 2.07
C LEU C 43 -13.36 2.29 0.68
N GLN C 44 -13.77 1.56 -0.36
CA GLN C 44 -13.57 2.01 -1.72
C GLN C 44 -14.96 2.20 -2.34
N LYS C 45 -15.39 3.48 -2.46
CA LYS C 45 -16.68 3.81 -3.06
C LYS C 45 -16.60 3.65 -4.60
N PRO C 46 -17.73 3.43 -5.30
CA PRO C 46 -17.63 3.21 -6.76
C PRO C 46 -16.96 4.32 -7.54
N GLY C 47 -15.99 3.94 -8.37
CA GLY C 47 -15.26 4.88 -9.22
C GLY C 47 -14.38 5.86 -8.48
N GLN C 48 -13.96 5.50 -7.27
CA GLN C 48 -13.12 6.34 -6.42
C GLN C 48 -11.99 5.53 -5.84
N SER C 49 -10.94 6.21 -5.35
CA SER C 49 -9.81 5.51 -4.75
C SER C 49 -10.20 5.08 -3.31
N PRO C 50 -9.47 4.14 -2.66
CA PRO C 50 -9.85 3.75 -1.29
C PRO C 50 -9.68 4.89 -0.28
N GLN C 51 -10.17 4.69 0.94
CA GLN C 51 -10.06 5.67 1.99
C GLN C 51 -10.09 5.00 3.37
N LEU C 52 -9.39 5.60 4.35
CA LEU C 52 -9.31 5.04 5.69
C LEU C 52 -10.60 5.26 6.44
N LEU C 53 -11.14 4.21 7.08
CA LEU C 53 -12.32 4.29 7.93
C LEU C 53 -11.82 4.18 9.40
N ILE C 54 -11.27 3.02 9.79
CA ILE C 54 -10.75 2.77 11.14
C ILE C 54 -9.30 2.35 11.06
N TYR C 55 -8.49 2.75 12.05
CA TYR C 55 -7.10 2.32 12.18
C TYR C 55 -6.89 1.71 13.54
N GLU C 56 -5.95 0.77 13.63
CA GLU C 56 -5.62 0.04 14.86
C GLU C 56 -6.88 -0.47 15.62
N VAL C 57 -7.67 -1.32 14.94
CA VAL C 57 -8.87 -2.01 15.45
C VAL C 57 -10.12 -1.13 15.66
N SER C 58 -10.01 -0.05 16.47
CA SER C 58 -11.16 0.73 16.90
C SER C 58 -11.10 2.25 16.74
N ASN C 59 -9.98 2.83 16.31
CA ASN C 59 -9.87 4.29 16.21
C ASN C 59 -10.43 4.85 14.91
N ARG C 60 -11.39 5.78 14.95
CA ARG C 60 -11.92 6.37 13.72
C ARG C 60 -10.94 7.38 13.14
N ALA C 61 -10.83 7.39 11.82
CA ALA C 61 -9.98 8.36 11.14
C ALA C 61 -10.73 9.71 11.15
N SER C 62 -10.02 10.83 10.91
CA SER C 62 -10.64 12.15 10.95
C SER C 62 -11.73 12.24 9.88
N GLY C 63 -12.88 12.83 10.24
CA GLY C 63 -14.01 12.96 9.35
C GLY C 63 -14.95 11.77 9.36
N VAL C 64 -14.45 10.57 9.71
CA VAL C 64 -15.29 9.38 9.69
C VAL C 64 -16.48 9.50 10.68
N PRO C 65 -17.75 9.39 10.21
CA PRO C 65 -18.88 9.51 11.13
C PRO C 65 -18.98 8.45 12.22
N ASP C 66 -19.44 8.84 13.44
CA ASP C 66 -19.65 7.94 14.58
C ASP C 66 -20.46 6.65 14.27
N ARG C 67 -21.18 6.61 13.12
CA ARG C 67 -21.91 5.40 12.69
C ARG C 67 -20.92 4.21 12.58
N PHE C 68 -19.75 4.48 11.99
CA PHE C 68 -18.71 3.49 11.82
C PHE C 68 -17.99 3.21 13.13
N SER C 69 -17.73 1.94 13.41
CA SER C 69 -17.08 1.56 14.66
C SER C 69 -16.31 0.24 14.45
N GLY C 70 -15.15 0.14 15.11
CA GLY C 70 -14.33 -1.05 15.05
C GLY C 70 -14.19 -1.68 16.41
N SER C 71 -13.97 -2.98 16.43
CA SER C 71 -13.78 -3.74 17.66
C SER C 71 -13.10 -5.09 17.31
N GLY C 72 -12.59 -5.78 18.32
CA GLY C 72 -11.93 -7.07 18.14
C GLY C 72 -10.63 -7.16 18.89
N SER C 73 -10.01 -8.34 18.86
CA SER C 73 -8.74 -8.55 19.55
C SER C 73 -7.99 -9.69 18.94
N ASP C 74 -6.68 -9.47 18.70
CA ASP C 74 -5.75 -10.50 18.30
C ASP C 74 -5.94 -11.04 16.86
N THR C 75 -7.01 -11.81 16.59
CA THR C 75 -7.25 -12.45 15.29
C THR C 75 -8.68 -12.28 14.71
N ASP C 76 -9.68 -11.79 15.50
CA ASP C 76 -11.06 -11.57 15.02
C ASP C 76 -11.43 -10.10 15.15
N PHE C 77 -11.91 -9.48 14.06
CA PHE C 77 -12.24 -8.04 14.04
C PHE C 77 -13.56 -7.80 13.34
N THR C 78 -14.29 -6.74 13.76
CA THR C 78 -15.59 -6.43 13.20
C THR C 78 -15.83 -4.95 13.01
N LEU C 79 -16.08 -4.55 11.75
CA LEU C 79 -16.47 -3.19 11.42
C LEU C 79 -18.00 -3.18 11.48
N LYS C 80 -18.59 -2.23 12.22
CA LYS C 80 -20.04 -2.12 12.38
C LYS C 80 -20.50 -0.74 11.95
N ILE C 81 -21.64 -0.70 11.27
CA ILE C 81 -22.31 0.53 10.85
C ILE C 81 -23.66 0.49 11.58
N SER C 82 -24.06 1.60 12.22
CA SER C 82 -25.33 1.64 12.97
C SER C 82 -26.50 1.94 12.01
N ARG C 83 -26.38 2.99 11.19
CA ARG C 83 -27.38 3.38 10.21
C ARG C 83 -26.67 3.35 8.84
N VAL C 84 -27.02 2.40 7.96
CA VAL C 84 -26.36 2.30 6.65
C VAL C 84 -26.92 3.31 5.66
N GLU C 85 -26.25 4.47 5.51
CA GLU C 85 -26.70 5.52 4.57
C GLU C 85 -26.39 5.18 3.09
N ALA C 86 -26.94 6.00 2.16
CA ALA C 86 -26.74 5.84 0.70
C ALA C 86 -25.26 5.95 0.32
N GLU C 87 -24.54 6.89 0.98
CA GLU C 87 -23.12 7.12 0.76
C GLU C 87 -22.21 5.94 1.16
N ASP C 88 -22.67 5.08 2.07
CA ASP C 88 -21.87 3.97 2.57
C ASP C 88 -21.67 2.82 1.58
N VAL C 89 -22.43 2.77 0.48
CA VAL C 89 -22.27 1.71 -0.52
C VAL C 89 -20.81 1.71 -1.09
N GLY C 90 -20.20 0.53 -1.12
CA GLY C 90 -18.83 0.36 -1.62
C GLY C 90 -18.23 -0.98 -1.23
N VAL C 91 -16.90 -1.13 -1.41
CA VAL C 91 -16.20 -2.36 -1.04
C VAL C 91 -15.38 -2.06 0.18
N TYR C 92 -15.54 -2.86 1.24
CA TYR C 92 -14.83 -2.66 2.49
C TYR C 92 -13.74 -3.68 2.59
N TYR C 93 -12.48 -3.24 2.77
CA TYR C 93 -11.35 -4.15 2.91
C TYR C 93 -10.73 -3.97 4.27
N CYS C 94 -10.52 -5.08 4.99
CA CYS C 94 -9.73 -5.01 6.22
C CYS C 94 -8.25 -5.14 5.76
N MET C 95 -7.29 -4.82 6.64
CA MET C 95 -5.89 -4.84 6.26
C MET C 95 -4.96 -4.91 7.46
N GLN C 96 -4.00 -5.84 7.43
CA GLN C 96 -3.00 -5.96 8.49
C GLN C 96 -1.79 -5.10 8.13
N GLY C 97 -1.26 -4.39 9.10
CA GLY C 97 -0.09 -3.55 8.92
C GLY C 97 1.05 -3.93 9.83
N LEU C 98 1.19 -5.23 10.11
CA LEU C 98 2.24 -5.74 11.01
C LEU C 98 3.48 -6.33 10.27
N GLU C 99 3.27 -7.30 9.38
CA GLU C 99 4.37 -8.01 8.70
C GLU C 99 4.28 -7.85 7.18
N PHE C 100 5.43 -7.84 6.49
CA PHE C 100 5.45 -7.71 5.04
C PHE C 100 5.16 -9.06 4.40
N PRO C 101 4.44 -9.08 3.28
CA PRO C 101 3.73 -7.96 2.66
C PRO C 101 2.50 -7.58 3.46
N TYR C 102 2.12 -6.30 3.47
CA TYR C 102 0.87 -5.89 4.11
C TYR C 102 -0.25 -6.48 3.24
N SER C 103 -1.13 -7.26 3.86
CA SER C 103 -2.18 -8.00 3.15
C SER C 103 -3.56 -7.51 3.50
N PHE C 104 -4.47 -7.52 2.50
CA PHE C 104 -5.86 -7.08 2.64
C PHE C 104 -6.81 -8.25 2.58
N GLY C 105 -8.03 -8.03 3.04
CA GLY C 105 -9.09 -8.99 2.86
C GLY C 105 -9.53 -8.97 1.38
N GLN C 106 -10.39 -9.90 1.00
CA GLN C 106 -10.85 -9.98 -0.39
C GLN C 106 -11.82 -8.83 -0.78
N GLY C 107 -12.46 -8.24 0.22
CA GLY C 107 -13.42 -7.16 0.04
C GLY C 107 -14.84 -7.62 0.33
N THR C 108 -15.70 -6.66 0.69
CA THR C 108 -17.09 -6.91 0.99
C THR C 108 -17.89 -5.86 0.27
N LYS C 109 -18.68 -6.29 -0.73
CA LYS C 109 -19.52 -5.36 -1.47
C LYS C 109 -20.80 -5.08 -0.65
N VAL C 110 -20.90 -3.89 -0.06
CA VAL C 110 -22.09 -3.47 0.66
C VAL C 110 -22.94 -2.74 -0.38
N GLU C 111 -24.21 -3.09 -0.49
CA GLU C 111 -25.13 -2.49 -1.45
C GLU C 111 -26.52 -2.31 -0.78
N ILE C 112 -27.44 -1.58 -1.44
CA ILE C 112 -28.78 -1.33 -0.91
C ILE C 112 -29.69 -2.55 -1.18
N LYS C 113 -30.43 -3.03 -0.15
CA LYS C 113 -31.34 -4.16 -0.35
C LYS C 113 -32.61 -3.56 -0.91
N ARG C 114 -33.12 -4.16 -1.96
CA ARG C 114 -34.27 -3.70 -2.68
C ARG C 114 -35.22 -4.87 -2.97
N THR C 115 -36.48 -4.57 -3.27
CA THR C 115 -37.43 -5.61 -3.66
C THR C 115 -36.98 -6.24 -4.99
N VAL C 116 -37.35 -7.49 -5.23
CA VAL C 116 -36.99 -8.17 -6.46
C VAL C 116 -37.64 -7.47 -7.66
N ALA C 117 -36.84 -7.16 -8.68
CA ALA C 117 -37.27 -6.50 -9.89
C ALA C 117 -36.71 -7.31 -11.03
N ALA C 118 -37.58 -7.88 -11.88
CA ALA C 118 -37.14 -8.71 -13.02
C ALA C 118 -36.55 -7.84 -14.15
N PRO C 119 -35.64 -8.40 -14.98
CA PRO C 119 -35.05 -7.59 -16.05
C PRO C 119 -35.92 -7.51 -17.30
N SER C 120 -35.89 -6.37 -17.98
CA SER C 120 -36.55 -6.25 -19.29
C SER C 120 -35.47 -6.71 -20.27
N VAL C 121 -35.71 -7.80 -21.01
CA VAL C 121 -34.72 -8.37 -21.94
C VAL C 121 -34.91 -7.84 -23.37
N PHE C 122 -33.79 -7.45 -24.02
CA PHE C 122 -33.77 -6.98 -25.40
C PHE C 122 -32.64 -7.65 -26.18
N ILE C 123 -32.87 -8.04 -27.43
CA ILE C 123 -31.86 -8.65 -28.29
C ILE C 123 -31.66 -7.76 -29.50
N PHE C 124 -30.42 -7.39 -29.77
CA PHE C 124 -30.06 -6.55 -30.90
C PHE C 124 -29.27 -7.39 -31.91
N PRO C 125 -29.70 -7.50 -33.19
CA PRO C 125 -28.88 -8.23 -34.18
C PRO C 125 -27.66 -7.42 -34.64
N PRO C 126 -26.69 -8.04 -35.35
CA PRO C 126 -25.55 -7.28 -35.87
C PRO C 126 -26.00 -6.35 -36.99
N SER C 127 -25.49 -5.10 -36.99
CA SER C 127 -25.79 -4.13 -38.04
C SER C 127 -25.16 -4.56 -39.37
N ASP C 128 -25.69 -4.04 -40.50
CA ASP C 128 -25.16 -4.36 -41.83
C ASP C 128 -23.75 -3.73 -42.05
N GLU C 129 -23.47 -2.60 -41.39
CA GLU C 129 -22.17 -1.95 -41.47
C GLU C 129 -21.12 -2.88 -40.84
N GLN C 130 -21.44 -3.46 -39.67
CA GLN C 130 -20.52 -4.38 -39.01
C GLN C 130 -20.32 -5.66 -39.82
N LEU C 131 -21.37 -6.13 -40.49
CA LEU C 131 -21.29 -7.33 -41.30
C LEU C 131 -20.40 -7.16 -42.53
N LYS C 132 -20.05 -5.93 -42.93
CA LYS C 132 -19.10 -5.71 -44.02
C LYS C 132 -17.72 -6.12 -43.49
N SER C 133 -17.36 -5.66 -42.26
CA SER C 133 -16.09 -5.95 -41.58
C SER C 133 -15.77 -7.44 -41.40
N GLY C 134 -16.73 -8.32 -41.67
CA GLY C 134 -16.52 -9.75 -41.57
C GLY C 134 -16.57 -10.31 -40.16
N THR C 135 -17.28 -9.62 -39.25
CA THR C 135 -17.46 -10.03 -37.86
C THR C 135 -18.86 -9.63 -37.41
N ALA C 136 -19.62 -10.56 -36.79
CA ALA C 136 -20.96 -10.30 -36.30
C ALA C 136 -20.99 -10.33 -34.77
N SER C 137 -21.60 -9.32 -34.13
CA SER C 137 -21.75 -9.24 -32.69
C SER C 137 -23.25 -9.05 -32.37
N VAL C 138 -23.81 -9.97 -31.57
CA VAL C 138 -25.23 -9.96 -31.18
C VAL C 138 -25.24 -9.55 -29.70
N VAL C 139 -25.97 -8.46 -29.34
CA VAL C 139 -26.03 -7.94 -27.96
C VAL C 139 -27.38 -8.30 -27.31
N CYS C 140 -27.37 -8.57 -25.99
CA CYS C 140 -28.54 -8.93 -25.20
C CYS C 140 -28.48 -8.03 -23.97
N LEU C 141 -29.49 -7.17 -23.77
CA LEU C 141 -29.58 -6.23 -22.65
C LEU C 141 -30.63 -6.73 -21.65
N LEU C 142 -30.28 -6.76 -20.36
CA LEU C 142 -31.17 -7.08 -19.25
C LEU C 142 -31.20 -5.77 -18.53
N ASN C 143 -32.29 -5.02 -18.64
CA ASN C 143 -32.38 -3.67 -18.13
C ASN C 143 -33.09 -3.54 -16.76
N ASN C 144 -32.43 -2.90 -15.78
CA ASN C 144 -32.98 -2.60 -14.45
C ASN C 144 -33.52 -3.80 -13.71
N PHE C 145 -32.64 -4.53 -13.03
CA PHE C 145 -33.03 -5.70 -12.26
C PHE C 145 -32.39 -5.80 -10.89
N TYR C 146 -32.98 -6.59 -10.02
CA TYR C 146 -32.45 -6.82 -8.68
C TYR C 146 -32.99 -8.19 -8.19
N PRO C 147 -32.16 -9.11 -7.65
CA PRO C 147 -30.72 -9.00 -7.37
C PRO C 147 -29.82 -9.12 -8.60
N ARG C 148 -28.52 -8.88 -8.41
CA ARG C 148 -27.50 -8.93 -9.46
C ARG C 148 -27.33 -10.33 -10.12
N GLU C 149 -27.66 -11.42 -9.42
CA GLU C 149 -27.46 -12.78 -9.98
C GLU C 149 -28.38 -13.00 -11.16
N ALA C 150 -27.81 -13.25 -12.35
CA ALA C 150 -28.59 -13.47 -13.57
C ALA C 150 -27.75 -14.25 -14.58
N LYS C 151 -28.32 -15.30 -15.20
CA LYS C 151 -27.58 -16.07 -16.19
C LYS C 151 -28.18 -15.85 -17.57
N VAL C 152 -27.33 -15.45 -18.52
CA VAL C 152 -27.72 -15.24 -19.91
C VAL C 152 -27.05 -16.34 -20.72
N GLN C 153 -27.87 -17.23 -21.30
CA GLN C 153 -27.40 -18.32 -22.14
C GLN C 153 -27.67 -17.92 -23.59
N TRP C 154 -26.67 -18.02 -24.47
CA TRP C 154 -26.86 -17.71 -25.89
C TRP C 154 -27.14 -19.00 -26.63
N LYS C 155 -28.17 -19.04 -27.51
CA LYS C 155 -28.49 -20.21 -28.33
C LYS C 155 -28.46 -19.82 -29.81
N VAL C 156 -27.94 -20.70 -30.68
CA VAL C 156 -27.90 -20.45 -32.14
C VAL C 156 -28.48 -21.69 -32.82
N ASP C 157 -29.66 -21.57 -33.47
CA ASP C 157 -30.42 -22.70 -34.05
C ASP C 157 -30.80 -23.67 -32.90
N ASN C 158 -31.18 -23.10 -31.71
CA ASN C 158 -31.52 -23.84 -30.48
C ASN C 158 -30.27 -24.38 -29.73
N ALA C 159 -29.11 -24.51 -30.42
CA ALA C 159 -27.89 -25.03 -29.81
C ALA C 159 -27.30 -24.07 -28.79
N LEU C 160 -27.10 -24.55 -27.56
CA LEU C 160 -26.58 -23.75 -26.46
C LEU C 160 -25.08 -23.46 -26.64
N GLN C 161 -24.69 -22.18 -26.71
CA GLN C 161 -23.30 -21.76 -26.93
C GLN C 161 -22.47 -21.73 -25.63
N SER C 162 -21.13 -21.76 -25.76
CA SER C 162 -20.24 -21.72 -24.61
C SER C 162 -18.83 -21.26 -25.02
N GLY C 163 -18.32 -20.22 -24.38
CA GLY C 163 -16.99 -19.69 -24.65
C GLY C 163 -16.84 -18.72 -25.80
N ASN C 164 -17.95 -18.14 -26.32
CA ASN C 164 -17.90 -17.18 -27.41
C ASN C 164 -18.74 -15.90 -27.14
N SER C 165 -18.95 -15.57 -25.86
CA SER C 165 -19.67 -14.37 -25.45
C SER C 165 -18.99 -13.72 -24.24
N GLN C 166 -19.17 -12.42 -24.08
CA GLN C 166 -18.60 -11.68 -22.96
C GLN C 166 -19.67 -10.80 -22.29
N GLU C 167 -19.65 -10.71 -20.96
CA GLU C 167 -20.63 -9.96 -20.18
C GLU C 167 -19.99 -8.78 -19.44
N SER C 168 -20.84 -7.82 -19.07
CA SER C 168 -20.43 -6.66 -18.28
C SER C 168 -21.66 -6.14 -17.52
N VAL C 169 -21.53 -5.78 -16.24
CA VAL C 169 -22.64 -5.29 -15.43
C VAL C 169 -22.37 -3.85 -15.00
N THR C 170 -23.43 -3.03 -14.86
CA THR C 170 -23.30 -1.68 -14.35
C THR C 170 -23.24 -1.73 -12.80
N GLU C 171 -22.80 -0.66 -12.14
CA GLU C 171 -22.86 -0.61 -10.67
C GLU C 171 -24.30 -0.29 -10.29
N GLN C 172 -24.72 -0.64 -9.06
CA GLN C 172 -26.10 -0.39 -8.59
C GLN C 172 -26.56 1.06 -8.84
N ASP C 173 -27.73 1.26 -9.48
CA ASP C 173 -28.18 2.61 -9.81
C ASP C 173 -28.49 3.40 -8.55
N SER C 174 -28.09 4.67 -8.54
CA SER C 174 -28.27 5.54 -7.38
C SER C 174 -29.73 5.71 -6.97
N LYS C 175 -30.69 5.73 -7.94
CA LYS C 175 -32.12 5.93 -7.65
C LYS C 175 -32.94 4.62 -7.48
N ASP C 176 -33.07 3.78 -8.54
CA ASP C 176 -33.85 2.53 -8.43
C ASP C 176 -33.09 1.37 -7.75
N SER C 177 -31.76 1.50 -7.51
CA SER C 177 -30.95 0.46 -6.85
C SER C 177 -30.92 -0.88 -7.62
N THR C 178 -31.05 -0.79 -8.96
CA THR C 178 -31.04 -1.91 -9.87
C THR C 178 -29.76 -1.94 -10.72
N TYR C 179 -29.50 -3.09 -11.34
CA TYR C 179 -28.35 -3.37 -12.20
C TYR C 179 -28.82 -3.54 -13.66
N SER C 180 -27.87 -3.55 -14.60
CA SER C 180 -28.15 -3.78 -16.01
C SER C 180 -27.01 -4.61 -16.58
N LEU C 181 -27.33 -5.60 -17.42
CA LEU C 181 -26.32 -6.45 -18.00
C LEU C 181 -26.32 -6.37 -19.50
N SER C 182 -25.14 -6.49 -20.08
CA SER C 182 -24.89 -6.49 -21.50
C SER C 182 -24.10 -7.75 -21.77
N SER C 183 -24.63 -8.64 -22.60
CA SER C 183 -23.93 -9.86 -23.01
C SER C 183 -23.75 -9.74 -24.54
N THR C 184 -22.51 -9.93 -25.02
CA THR C 184 -22.21 -9.83 -26.43
C THR C 184 -21.68 -11.14 -26.95
N LEU C 185 -22.45 -11.79 -27.82
CA LEU C 185 -22.02 -13.01 -28.50
C LEU C 185 -21.25 -12.55 -29.76
N THR C 186 -20.00 -13.02 -29.96
CA THR C 186 -19.21 -12.62 -31.13
C THR C 186 -18.90 -13.82 -32.02
N LEU C 187 -19.31 -13.72 -33.30
CA LEU C 187 -19.17 -14.75 -34.33
C LEU C 187 -18.48 -14.17 -35.53
N SER C 188 -17.86 -15.01 -36.37
CA SER C 188 -17.32 -14.54 -37.64
C SER C 188 -18.55 -14.39 -38.58
N LYS C 189 -18.46 -13.52 -39.59
CA LYS C 189 -19.56 -13.34 -40.55
C LYS C 189 -19.87 -14.68 -41.26
N ALA C 190 -18.84 -15.51 -41.54
CA ALA C 190 -19.01 -16.80 -42.19
C ALA C 190 -19.82 -17.76 -41.33
N ASP C 191 -19.59 -17.77 -39.99
CA ASP C 191 -20.35 -18.62 -39.07
C ASP C 191 -21.77 -18.05 -38.86
N TYR C 192 -21.89 -16.73 -38.79
CA TYR C 192 -23.17 -16.05 -38.60
C TYR C 192 -24.19 -16.41 -39.71
N GLU C 193 -23.73 -16.55 -40.97
CA GLU C 193 -24.65 -16.88 -42.07
C GLU C 193 -24.92 -18.41 -42.23
N LYS C 194 -24.22 -19.26 -41.47
CA LYS C 194 -24.51 -20.70 -41.49
C LYS C 194 -25.69 -21.07 -40.57
N HIS C 195 -26.37 -20.08 -39.91
CA HIS C 195 -27.48 -20.32 -38.99
C HIS C 195 -28.50 -19.19 -39.04
N LYS C 196 -29.78 -19.51 -38.75
CA LYS C 196 -30.89 -18.56 -38.85
C LYS C 196 -31.36 -18.01 -37.49
N VAL C 197 -31.72 -18.89 -36.54
CA VAL C 197 -32.28 -18.42 -35.26
C VAL C 197 -31.20 -18.04 -34.27
N TYR C 198 -31.32 -16.85 -33.65
CA TYR C 198 -30.40 -16.36 -32.64
C TYR C 198 -31.19 -15.90 -31.43
N ALA C 199 -31.00 -16.57 -30.28
CA ALA C 199 -31.73 -16.25 -29.05
C ALA C 199 -30.83 -16.10 -27.85
N CYS C 200 -31.27 -15.32 -26.84
CA CYS C 200 -30.57 -15.25 -25.54
C CYS C 200 -31.64 -15.53 -24.48
N GLU C 201 -31.38 -16.54 -23.62
CA GLU C 201 -32.31 -16.97 -22.57
C GLU C 201 -31.82 -16.51 -21.21
N VAL C 202 -32.58 -15.62 -20.59
CA VAL C 202 -32.26 -15.04 -19.30
C VAL C 202 -32.97 -15.76 -18.14
N THR C 203 -32.20 -16.03 -17.08
CA THR C 203 -32.68 -16.70 -15.88
C THR C 203 -32.48 -15.72 -14.73
N HIS C 204 -33.53 -15.48 -13.94
CA HIS C 204 -33.48 -14.53 -12.83
C HIS C 204 -34.55 -14.89 -11.76
N GLN C 205 -34.36 -14.43 -10.52
CA GLN C 205 -35.28 -14.70 -9.42
C GLN C 205 -36.65 -14.09 -9.70
N GLY C 206 -36.67 -12.86 -10.21
CA GLY C 206 -37.91 -12.17 -10.55
C GLY C 206 -38.67 -12.78 -11.71
N LEU C 207 -38.02 -13.61 -12.55
CA LEU C 207 -38.68 -14.24 -13.69
C LEU C 207 -39.20 -15.60 -13.33
N SER C 208 -40.52 -15.80 -13.42
CA SER C 208 -41.17 -17.08 -13.09
C SER C 208 -40.64 -18.22 -13.92
N SER C 209 -40.39 -17.96 -15.20
CA SER C 209 -39.83 -18.92 -16.13
C SER C 209 -38.73 -18.19 -16.93
N PRO C 210 -37.63 -18.86 -17.32
CA PRO C 210 -36.59 -18.16 -18.10
C PRO C 210 -37.16 -17.59 -19.40
N VAL C 211 -36.84 -16.31 -19.65
CA VAL C 211 -37.31 -15.55 -20.80
C VAL C 211 -36.39 -15.70 -21.97
N THR C 212 -36.93 -15.74 -23.17
CA THR C 212 -36.14 -15.85 -24.38
C THR C 212 -36.56 -14.74 -25.33
N LYS C 213 -35.59 -14.06 -25.94
CA LYS C 213 -35.81 -12.99 -26.89
C LYS C 213 -35.00 -13.39 -28.08
N SER C 214 -35.62 -13.69 -29.22
CA SER C 214 -34.90 -14.16 -30.39
C SER C 214 -35.32 -13.45 -31.67
N PHE C 215 -34.51 -13.62 -32.71
CA PHE C 215 -34.76 -13.10 -34.06
C PHE C 215 -34.23 -14.11 -35.08
N ASN C 216 -34.80 -14.06 -36.27
CA ASN C 216 -34.34 -14.89 -37.38
C ASN C 216 -33.53 -13.98 -38.29
N ARG C 217 -32.42 -14.50 -38.83
CA ARG C 217 -31.53 -13.71 -39.68
C ARG C 217 -32.26 -13.16 -40.92
N GLY C 218 -32.69 -11.90 -40.85
CA GLY C 218 -33.47 -11.22 -41.88
C GLY C 218 -34.96 -11.39 -41.59
N GLU C 219 -35.39 -12.66 -41.59
CA GLU C 219 -36.75 -13.10 -41.29
C GLU C 219 -37.11 -12.66 -39.84
#